data_6B06
#
_entry.id   6B06
#
_cell.length_a   187.219
_cell.length_b   122.646
_cell.length_c   68.145
_cell.angle_alpha   90.000
_cell.angle_beta   107.050
_cell.angle_gamma   90.000
#
_symmetry.space_group_name_H-M   'C 1 2 1'
#
loop_
_entity.id
_entity.type
_entity.pdbx_description
1 polymer 'Farnesyl diphosphate synthase'
2 non-polymer 2-(2,2-diphosphonoethyl)-1-methylpyridin-1-ium
3 non-polymer 'MAGNESIUM ION'
4 non-polymer '3-METHYLBUT-3-ENYL TRIHYDROGEN DIPHOSPHATE'
5 water water
#
_entity_poly.entity_id   1
_entity_poly.type   'polypeptide(L)'
_entity_poly.pdbx_seq_one_letter_code
;TKKESFEDVLPSILNTITTNSELTEVPEVANWLKKVLEYNLAGGKKARGLTTLFAYEMLEKPENITEETIYLAKTLGWCV
EILQGFLVMLDDIMDGSTTRRGVPCWYQLPEVGLAAVNDSSLMFSSIFYVLHAHFADKKIYTNLVELFNESLMHTSIGQH
LDVTMERRQKSDYSLFTIERYNAIVKYKTAYYTYQLPVCLGMLLANISDPVLHQKAEDMCLEIGKFFQIQDDYIDCYGDE
SLTGKMGTDIQEAKCSWLAVMALQRCSASQKIVFTTCYGSKEPAHIERIKELYKQLQLPELYAQEETRMYESLIKQAHGL
PSELSPALFVRLIHMIYKRNH
;
_entity_poly.pdbx_strand_id   A,B,C
#
loop_
_chem_comp.id
_chem_comp.type
_chem_comp.name
_chem_comp.formula
C6J non-polymer 2-(2,2-diphosphonoethyl)-1-methylpyridin-1-ium 'C8 H14 N O6 P2 1'
IPE non-polymer '3-METHYLBUT-3-ENYL TRIHYDROGEN DIPHOSPHATE' 'C5 H12 O7 P2'
MG non-polymer 'MAGNESIUM ION' 'Mg 2'
#
# COMPACT_ATOMS: atom_id res chain seq x y z
N THR A 1 -25.16 -0.97 -13.65
CA THR A 1 -24.31 -0.48 -14.75
C THR A 1 -22.87 -0.92 -14.41
N LYS A 2 -21.94 -0.31 -15.11
CA LYS A 2 -20.54 -0.59 -14.97
C LYS A 2 -19.94 0.21 -13.83
N LYS A 3 -20.52 1.38 -13.53
CA LYS A 3 -20.07 2.20 -12.41
C LYS A 3 -20.21 1.48 -11.05
N GLU A 4 -21.33 0.82 -10.80
CA GLU A 4 -21.52 0.14 -9.51
C GLU A 4 -20.55 -1.06 -9.33
N SER A 5 -20.28 -1.80 -10.41
CA SER A 5 -19.26 -2.87 -10.34
C SER A 5 -17.82 -2.32 -10.06
N PHE A 6 -17.53 -1.13 -10.56
CA PHE A 6 -16.28 -0.44 -10.28
C PHE A 6 -16.21 0.15 -8.87
N GLU A 7 -17.25 0.78 -8.34
CA GLU A 7 -17.18 1.35 -6.97
C GLU A 7 -17.11 0.29 -5.86
N ASP A 8 -17.53 -0.94 -6.18
CA ASP A 8 -17.52 -2.11 -5.27
C ASP A 8 -16.14 -2.36 -4.72
N VAL A 9 -15.13 -2.30 -5.59
CA VAL A 9 -13.81 -2.64 -5.14
C VAL A 9 -13.04 -1.57 -4.33
N LEU A 10 -13.62 -0.39 -4.04
CA LEU A 10 -12.87 0.70 -3.36
C LEU A 10 -12.32 0.30 -2.00
N PRO A 11 -13.16 -0.27 -1.11
CA PRO A 11 -12.68 -0.66 0.23
C PRO A 11 -11.58 -1.72 0.20
N SER A 12 -11.64 -2.58 -0.80
CA SER A 12 -10.66 -3.61 -0.95
C SER A 12 -9.31 -3.01 -1.32
N ILE A 13 -9.33 -1.94 -2.15
CA ILE A 13 -8.08 -1.22 -2.56
C ILE A 13 -7.53 -0.47 -1.33
N LEU A 14 -8.39 0.28 -0.65
CA LEU A 14 -8.02 0.87 0.61
C LEU A 14 -7.32 -0.14 1.50
N ASN A 15 -7.90 -1.32 1.69
CA ASN A 15 -7.23 -2.36 2.48
C ASN A 15 -5.94 -2.87 1.85
N THR A 16 -5.85 -3.01 0.53
CA THR A 16 -4.64 -3.56 -0.04
C THR A 16 -3.53 -2.61 0.34
N ILE A 17 -3.77 -1.30 0.24
CA ILE A 17 -2.73 -0.27 0.47
C ILE A 17 -2.06 -0.41 1.84
N THR A 18 -2.86 -0.28 2.91
CA THR A 18 -2.40 -0.57 4.29
C THR A 18 -1.54 -1.89 4.54
N THR A 19 -2.20 -3.04 4.41
CA THR A 19 -1.61 -4.37 4.50
C THR A 19 -0.29 -4.64 3.73
N ASN A 20 -0.03 -3.93 2.63
CA ASN A 20 1.16 -4.15 1.77
C ASN A 20 2.24 -3.04 1.84
N SER A 21 2.55 -2.55 3.05
CA SER A 21 3.54 -1.47 3.30
C SER A 21 3.85 -1.34 4.79
N GLU A 22 4.68 -0.34 5.14
CA GLU A 22 4.99 -0.06 6.54
C GLU A 22 3.92 0.72 7.30
N LEU A 23 2.80 1.03 6.64
CA LEU A 23 1.64 1.60 7.31
C LEU A 23 1.04 0.73 8.41
N THR A 24 1.26 -0.57 8.33
CA THR A 24 0.79 -1.49 9.38
C THR A 24 1.39 -1.21 10.77
N GLU A 25 2.64 -0.74 10.80
CA GLU A 25 3.36 -0.46 12.06
C GLU A 25 3.02 0.90 12.65
N VAL A 26 2.37 1.73 11.82
CA VAL A 26 1.99 3.11 12.16
C VAL A 26 0.53 3.32 11.78
N PRO A 27 -0.39 2.76 12.57
CA PRO A 27 -1.78 2.78 12.17
C PRO A 27 -2.42 4.18 12.35
N GLU A 28 -1.82 5.08 13.15
CA GLU A 28 -2.20 6.52 13.12
C GLU A 28 -2.19 7.11 11.72
N VAL A 29 -1.23 6.66 10.93
CA VAL A 29 -1.05 7.13 9.58
C VAL A 29 -1.88 6.35 8.60
N ALA A 30 -2.01 5.05 8.80
CA ALA A 30 -2.81 4.23 7.91
C ALA A 30 -4.27 4.64 8.00
N ASN A 31 -4.69 5.10 9.18
CA ASN A 31 -6.02 5.66 9.28
C ASN A 31 -6.18 7.00 8.71
N TRP A 32 -5.16 7.85 8.81
CA TRP A 32 -5.23 9.19 8.22
C TRP A 32 -5.31 9.09 6.70
N LEU A 33 -4.56 8.16 6.10
CA LEU A 33 -4.58 7.92 4.64
C LEU A 33 -5.91 7.39 4.09
N LYS A 34 -6.57 6.53 4.85
CA LYS A 34 -7.94 6.10 4.53
C LYS A 34 -8.89 7.32 4.46
N LYS A 35 -8.79 8.28 5.40
CA LYS A 35 -9.66 9.45 5.35
C LYS A 35 -9.36 10.36 4.14
N VAL A 36 -8.08 10.43 3.74
CA VAL A 36 -7.61 11.22 2.62
C VAL A 36 -8.12 10.62 1.34
N LEU A 37 -7.95 9.32 1.16
CA LEU A 37 -8.39 8.68 -0.09
C LEU A 37 -9.92 8.66 -0.22
N GLU A 38 -10.65 8.56 0.88
CA GLU A 38 -12.12 8.44 0.77
C GLU A 38 -12.68 9.81 0.40
N TYR A 39 -12.18 10.87 1.00
CA TYR A 39 -12.60 12.26 0.71
C TYR A 39 -12.22 12.75 -0.70
N ASN A 40 -10.99 12.47 -1.09
CA ASN A 40 -10.49 12.82 -2.38
C ASN A 40 -10.71 11.79 -3.45
N LEU A 41 -11.47 10.74 -3.20
CA LEU A 41 -11.98 9.92 -4.32
C LEU A 41 -13.52 9.99 -4.49
N ALA A 42 -14.20 10.70 -3.56
CA ALA A 42 -15.69 10.81 -3.48
C ALA A 42 -16.28 11.84 -4.47
N GLY A 43 -17.57 11.75 -4.75
CA GLY A 43 -18.22 12.60 -5.80
C GLY A 43 -17.72 12.04 -7.10
N GLY A 44 -17.60 12.88 -8.12
CA GLY A 44 -16.81 12.48 -9.32
C GLY A 44 -17.41 11.41 -10.23
N LYS A 45 -17.10 11.50 -11.51
CA LYS A 45 -17.79 10.63 -12.48
C LYS A 45 -17.07 9.32 -12.64
N LYS A 46 -15.88 9.21 -12.05
CA LYS A 46 -15.05 8.02 -12.17
C LYS A 46 -14.75 7.60 -13.61
N ALA A 47 -14.75 8.58 -14.51
CA ALA A 47 -14.54 8.36 -15.92
C ALA A 47 -13.24 7.68 -16.30
N ARG A 48 -12.11 8.13 -15.73
CA ARG A 48 -10.81 7.52 -16.09
C ARG A 48 -10.73 6.06 -15.65
N GLY A 49 -11.26 5.78 -14.46
CA GLY A 49 -11.33 4.41 -13.98
C GLY A 49 -12.07 3.53 -14.95
N LEU A 50 -13.34 3.89 -15.19
CA LEU A 50 -14.21 3.18 -16.15
C LEU A 50 -13.54 2.98 -17.47
N THR A 51 -13.08 4.06 -18.09
CA THR A 51 -12.30 3.96 -19.35
C THR A 51 -11.28 2.83 -19.36
N THR A 52 -10.59 2.63 -18.24
CA THR A 52 -9.55 1.59 -18.18
C THR A 52 -10.14 0.18 -18.25
N LEU A 53 -11.24 0.02 -17.52
CA LEU A 53 -11.99 -1.21 -17.46
C LEU A 53 -12.61 -1.50 -18.81
N PHE A 54 -13.46 -0.57 -19.25
CA PHE A 54 -14.16 -0.63 -20.55
C PHE A 54 -13.16 -0.98 -21.65
N ALA A 55 -12.06 -0.26 -21.70
CA ALA A 55 -10.97 -0.56 -22.62
C ALA A 55 -10.49 -1.99 -22.51
N TYR A 56 -10.27 -2.50 -21.29
CA TYR A 56 -9.80 -3.90 -21.17
C TYR A 56 -10.83 -4.82 -21.81
N GLU A 57 -12.10 -4.63 -21.39
CA GLU A 57 -13.21 -5.47 -21.81
C GLU A 57 -13.33 -5.47 -23.32
N MET A 58 -13.42 -4.26 -23.89
CA MET A 58 -13.58 -4.02 -25.32
C MET A 58 -12.42 -4.52 -26.17
N LEU A 59 -11.22 -4.59 -25.60
CA LEU A 59 -10.01 -4.96 -26.33
C LEU A 59 -9.63 -6.39 -26.16
N GLU A 60 -9.87 -7.00 -25.00
CA GLU A 60 -9.50 -8.42 -24.80
C GLU A 60 -10.50 -9.35 -25.48
N LYS A 61 -10.00 -10.47 -26.02
CA LYS A 61 -10.88 -11.56 -26.50
C LYS A 61 -11.78 -12.02 -25.34
N PRO A 62 -13.11 -12.08 -25.55
CA PRO A 62 -14.00 -12.45 -24.41
C PRO A 62 -13.76 -13.83 -23.73
N GLU A 63 -13.19 -14.79 -24.47
CA GLU A 63 -12.83 -16.09 -23.90
C GLU A 63 -11.60 -16.05 -22.96
N ASN A 64 -10.62 -15.13 -23.20
CA ASN A 64 -9.51 -14.88 -22.22
C ASN A 64 -9.83 -14.07 -20.95
N ILE A 65 -10.96 -13.36 -20.91
CA ILE A 65 -11.34 -12.57 -19.76
C ILE A 65 -11.56 -13.56 -18.61
N THR A 66 -11.05 -13.22 -17.43
CA THR A 66 -11.23 -14.00 -16.21
C THR A 66 -11.81 -13.06 -15.15
N GLU A 67 -12.24 -13.56 -14.00
CA GLU A 67 -12.71 -12.66 -12.97
C GLU A 67 -11.48 -12.02 -12.32
N GLU A 68 -10.37 -12.74 -12.27
CA GLU A 68 -9.10 -12.21 -11.79
C GLU A 68 -8.73 -10.93 -12.58
N THR A 69 -8.61 -11.09 -13.90
CA THR A 69 -8.13 -10.00 -14.73
C THR A 69 -9.11 -8.82 -14.72
N ILE A 70 -10.41 -9.07 -14.59
CA ILE A 70 -11.33 -7.97 -14.39
C ILE A 70 -11.01 -7.24 -13.10
N TYR A 71 -10.69 -7.95 -12.03
CA TYR A 71 -10.38 -7.27 -10.75
C TYR A 71 -9.15 -6.38 -10.98
N LEU A 72 -8.19 -6.89 -11.74
CA LEU A 72 -6.96 -6.16 -12.02
C LEU A 72 -7.24 -4.89 -12.82
N ALA A 73 -8.11 -5.00 -13.81
CA ALA A 73 -8.56 -3.85 -14.56
C ALA A 73 -9.27 -2.87 -13.71
N LYS A 74 -9.98 -3.31 -12.68
CA LYS A 74 -10.60 -2.34 -11.81
C LYS A 74 -9.56 -1.64 -10.91
N THR A 75 -8.48 -2.35 -10.63
CA THR A 75 -7.45 -1.91 -9.72
C THR A 75 -6.62 -0.86 -10.44
N LEU A 76 -6.11 -1.21 -11.62
CA LEU A 76 -5.50 -0.25 -12.51
C LEU A 76 -6.34 1.02 -12.66
N GLY A 77 -7.56 0.86 -13.09
CA GLY A 77 -8.51 1.94 -13.05
C GLY A 77 -8.47 2.78 -11.79
N TRP A 78 -8.56 2.15 -10.63
CA TRP A 78 -8.48 2.92 -9.38
C TRP A 78 -7.15 3.65 -9.12
N CYS A 79 -6.04 3.09 -9.61
CA CYS A 79 -4.76 3.79 -9.59
C CYS A 79 -4.84 5.11 -10.34
N VAL A 80 -5.47 5.04 -11.49
CA VAL A 80 -5.66 6.20 -12.26
C VAL A 80 -6.52 7.19 -11.55
N GLU A 81 -7.49 6.74 -10.77
CA GLU A 81 -8.34 7.69 -10.09
C GLU A 81 -7.62 8.33 -8.91
N ILE A 82 -6.67 7.59 -8.31
CA ILE A 82 -5.82 8.08 -7.21
C ILE A 82 -4.94 9.18 -7.83
N LEU A 83 -4.33 8.86 -8.98
CA LEU A 83 -3.51 9.80 -9.69
C LEU A 83 -4.29 11.12 -9.82
N GLN A 84 -5.54 11.00 -10.24
CA GLN A 84 -6.41 12.11 -10.46
C GLN A 84 -6.64 12.86 -9.19
N GLY A 85 -6.84 12.14 -8.10
CA GLY A 85 -6.99 12.77 -6.77
C GLY A 85 -5.77 13.57 -6.37
N PHE A 86 -4.62 13.04 -6.68
CA PHE A 86 -3.32 13.67 -6.43
C PHE A 86 -3.17 14.98 -7.21
N LEU A 87 -3.36 14.87 -8.51
CA LEU A 87 -3.22 16.01 -9.39
C LEU A 87 -4.16 17.10 -8.99
N VAL A 88 -5.47 16.83 -8.84
CA VAL A 88 -6.41 17.94 -8.53
C VAL A 88 -6.25 18.46 -7.11
N MET A 89 -5.72 17.66 -6.21
CA MET A 89 -5.35 18.19 -4.89
C MET A 89 -4.27 19.31 -4.96
N LEU A 90 -3.26 19.11 -5.81
CA LEU A 90 -2.23 20.12 -6.06
C LEU A 90 -2.78 21.25 -6.92
N ASP A 91 -3.49 20.89 -8.00
CA ASP A 91 -4.11 21.87 -8.92
C ASP A 91 -4.94 22.88 -8.15
N ASP A 92 -5.82 22.44 -7.27
CA ASP A 92 -6.57 23.37 -6.39
C ASP A 92 -5.68 24.33 -5.56
N ILE A 93 -4.49 23.89 -5.16
CA ILE A 93 -3.55 24.76 -4.46
C ILE A 93 -3.00 25.85 -5.42
N MET A 94 -2.66 25.46 -6.64
CA MET A 94 -2.06 26.40 -7.57
C MET A 94 -3.08 27.38 -8.20
N ASP A 95 -4.36 27.05 -8.13
CA ASP A 95 -5.42 27.79 -8.76
C ASP A 95 -6.31 28.52 -7.72
N GLY A 96 -5.90 28.51 -6.45
CA GLY A 96 -6.68 29.03 -5.35
C GLY A 96 -8.17 28.69 -5.44
N SER A 97 -8.47 27.42 -5.69
CA SER A 97 -9.84 26.93 -5.68
C SER A 97 -10.35 26.86 -4.24
N THR A 98 -11.67 26.83 -4.09
CA THR A 98 -12.33 26.68 -2.76
C THR A 98 -13.25 25.45 -2.62
N THR A 99 -13.80 24.93 -3.72
CA THR A 99 -14.62 23.71 -3.70
C THR A 99 -14.19 22.76 -4.83
N ARG A 100 -14.46 21.46 -4.64
CA ARG A 100 -14.36 20.48 -5.70
C ARG A 100 -15.26 19.27 -5.42
N ARG A 101 -15.98 18.81 -6.45
CA ARG A 101 -16.92 17.67 -6.32
C ARG A 101 -17.95 17.88 -5.18
N GLY A 102 -18.38 19.13 -4.99
CA GLY A 102 -19.45 19.43 -4.07
C GLY A 102 -19.01 19.93 -2.71
N VAL A 103 -17.74 19.76 -2.35
CA VAL A 103 -17.30 19.98 -0.95
C VAL A 103 -16.11 20.94 -1.00
N PRO A 104 -15.63 21.41 0.17
CA PRO A 104 -14.36 22.15 0.19
C PRO A 104 -13.12 21.36 -0.29
N CYS A 105 -12.16 22.07 -0.83
CA CYS A 105 -10.96 21.48 -1.34
C CYS A 105 -10.13 21.02 -0.16
N TRP A 106 -9.49 19.86 -0.35
CA TRP A 106 -8.81 19.20 0.74
C TRP A 106 -7.93 20.15 1.51
N TYR A 107 -7.12 20.93 0.80
CA TYR A 107 -6.28 21.90 1.49
C TYR A 107 -7.00 23.03 2.22
N GLN A 108 -8.22 23.38 1.79
CA GLN A 108 -8.99 24.45 2.44
C GLN A 108 -9.43 24.10 3.86
N LEU A 109 -9.70 22.83 4.11
CA LEU A 109 -10.12 22.39 5.45
C LEU A 109 -9.14 22.91 6.52
N PRO A 110 -9.66 23.28 7.72
CA PRO A 110 -8.82 23.97 8.73
C PRO A 110 -7.72 23.11 9.35
N GLU A 111 -7.99 21.83 9.58
CA GLU A 111 -6.98 20.92 10.14
C GLU A 111 -5.83 20.56 9.13
N VAL A 112 -5.94 20.96 7.86
CA VAL A 112 -5.01 20.53 6.80
C VAL A 112 -4.05 21.64 6.35
N GLY A 113 -4.54 22.60 5.58
CA GLY A 113 -3.65 23.63 5.05
C GLY A 113 -2.61 23.09 4.09
N LEU A 114 -1.40 23.58 4.21
CA LEU A 114 -0.37 23.18 3.28
C LEU A 114 0.24 21.82 3.59
N ALA A 115 -0.14 21.26 4.72
CA ALA A 115 0.07 19.86 4.97
C ALA A 115 -0.47 18.99 3.85
N ALA A 116 -1.35 19.53 3.02
CA ALA A 116 -1.84 18.81 1.84
C ALA A 116 -0.76 18.35 0.88
N VAL A 117 0.38 19.03 0.82
CA VAL A 117 1.40 18.63 -0.14
C VAL A 117 1.92 17.24 0.22
N ASN A 118 2.05 16.99 1.51
CA ASN A 118 2.42 15.70 1.97
C ASN A 118 1.34 14.62 1.82
N ASP A 119 0.07 14.99 1.97
CA ASP A 119 -1.00 14.01 1.71
C ASP A 119 -0.96 13.58 0.25
N SER A 120 -0.60 14.50 -0.63
CA SER A 120 -0.46 14.17 -2.00
C SER A 120 0.68 13.14 -2.21
N SER A 121 1.74 13.25 -1.42
CA SER A 121 2.90 12.41 -1.59
C SER A 121 2.53 11.01 -1.14
N LEU A 122 1.73 10.92 -0.08
CA LEU A 122 1.14 9.66 0.35
C LEU A 122 0.28 9.01 -0.70
N MET A 123 -0.47 9.81 -1.44
CA MET A 123 -1.41 9.27 -2.38
C MET A 123 -0.67 8.71 -3.56
N PHE A 124 0.26 9.50 -4.04
CA PHE A 124 1.04 9.10 -5.18
C PHE A 124 1.91 7.84 -4.88
N SER A 125 2.34 7.69 -3.63
CA SER A 125 3.07 6.51 -3.15
C SER A 125 2.24 5.22 -3.21
N SER A 126 1.01 5.31 -2.68
CA SER A 126 0.01 4.28 -2.75
C SER A 126 -0.03 3.57 -4.08
N ILE A 127 0.01 4.32 -5.16
CA ILE A 127 -0.15 3.73 -6.49
C ILE A 127 0.89 2.63 -6.78
N PHE A 128 2.12 2.85 -6.39
CA PHE A 128 3.19 1.90 -6.70
C PHE A 128 3.19 0.72 -5.76
N TYR A 129 2.55 0.88 -4.59
CA TYR A 129 2.40 -0.26 -3.68
C TYR A 129 1.42 -1.28 -4.21
N VAL A 130 0.26 -0.77 -4.58
CA VAL A 130 -0.79 -1.48 -5.30
C VAL A 130 -0.24 -2.16 -6.55
N LEU A 131 0.38 -1.40 -7.43
CA LEU A 131 1.01 -1.99 -8.61
C LEU A 131 1.97 -3.09 -8.25
N HIS A 132 2.83 -2.83 -7.25
CA HIS A 132 3.84 -3.81 -6.87
C HIS A 132 3.19 -5.10 -6.37
N ALA A 133 2.14 -4.94 -5.58
CA ALA A 133 1.48 -6.03 -4.88
C ALA A 133 0.84 -7.03 -5.83
N HIS A 134 0.08 -6.51 -6.79
CA HIS A 134 -0.53 -7.34 -7.81
C HIS A 134 0.46 -7.84 -8.85
N PHE A 135 1.43 -7.02 -9.22
CA PHE A 135 2.07 -7.24 -10.52
C PHE A 135 3.53 -7.58 -10.50
N ALA A 136 4.20 -7.60 -9.34
CA ALA A 136 5.69 -7.79 -9.27
C ALA A 136 6.20 -9.01 -10.04
N ASP A 137 5.51 -10.13 -9.96
CA ASP A 137 6.02 -11.29 -10.66
C ASP A 137 5.58 -11.42 -12.12
N LYS A 138 4.74 -10.52 -12.63
CA LYS A 138 4.29 -10.60 -14.04
C LYS A 138 5.22 -9.79 -14.96
N LYS A 139 5.38 -10.25 -16.20
CA LYS A 139 6.29 -9.60 -17.13
C LYS A 139 5.92 -8.11 -17.37
N ILE A 140 4.63 -7.76 -17.39
CA ILE A 140 4.21 -6.33 -17.55
C ILE A 140 4.46 -5.38 -16.36
N TYR A 141 5.16 -5.79 -15.33
CA TYR A 141 5.32 -4.91 -14.19
C TYR A 141 5.99 -3.64 -14.64
N THR A 142 7.08 -3.79 -15.40
CA THR A 142 7.94 -2.63 -15.73
C THR A 142 7.14 -1.57 -16.53
N ASN A 143 6.49 -2.03 -17.59
CA ASN A 143 5.56 -1.22 -18.39
C ASN A 143 4.49 -0.45 -17.64
N LEU A 144 3.88 -1.06 -16.65
CA LEU A 144 2.91 -0.36 -15.83
C LEU A 144 3.57 0.77 -15.06
N VAL A 145 4.70 0.48 -14.44
CA VAL A 145 5.37 1.46 -13.62
C VAL A 145 5.82 2.66 -14.48
N GLU A 146 6.32 2.36 -15.67
CA GLU A 146 6.87 3.36 -16.57
C GLU A 146 5.80 4.28 -17.06
N LEU A 147 4.65 3.71 -17.28
CA LEU A 147 3.51 4.40 -17.80
C LEU A 147 2.96 5.36 -16.77
N PHE A 148 2.85 4.96 -15.52
CA PHE A 148 2.32 5.89 -14.51
C PHE A 148 3.30 7.04 -14.29
N ASN A 149 4.57 6.73 -14.51
CA ASN A 149 5.60 7.70 -14.33
C ASN A 149 5.71 8.77 -15.46
N GLU A 150 5.78 8.33 -16.71
CA GLU A 150 5.53 9.19 -17.85
C GLU A 150 4.32 10.09 -17.67
N SER A 151 3.25 9.55 -17.09
CA SER A 151 2.01 10.29 -17.03
C SER A 151 2.13 11.41 -16.06
N LEU A 152 2.96 11.24 -15.03
CA LEU A 152 3.31 12.35 -14.17
C LEU A 152 4.17 13.40 -14.88
N MET A 153 5.16 12.96 -15.66
CA MET A 153 6.04 13.90 -16.37
C MET A 153 5.20 14.78 -17.31
N HIS A 154 4.37 14.12 -18.15
CA HIS A 154 3.51 14.83 -19.09
C HIS A 154 2.62 15.77 -18.32
N THR A 155 1.93 15.27 -17.33
CA THR A 155 1.05 16.11 -16.57
C THR A 155 1.79 17.29 -15.92
N SER A 156 3.03 17.09 -15.50
CA SER A 156 3.78 18.18 -14.91
C SER A 156 4.20 19.21 -15.94
N ILE A 157 4.58 18.77 -17.13
CA ILE A 157 4.92 19.66 -18.25
C ILE A 157 3.73 20.56 -18.56
N GLY A 158 2.60 19.92 -18.79
CA GLY A 158 1.36 20.64 -19.04
C GLY A 158 1.11 21.66 -17.97
N GLN A 159 1.21 21.25 -16.73
CA GLN A 159 0.87 22.15 -15.63
C GLN A 159 1.81 23.33 -15.58
N HIS A 160 3.05 23.11 -15.99
CA HIS A 160 4.00 24.18 -16.02
C HIS A 160 3.65 25.17 -17.11
N LEU A 161 3.45 24.68 -18.33
CA LEU A 161 3.00 25.54 -19.40
C LEU A 161 1.75 26.37 -19.03
N ASP A 162 0.87 25.82 -18.23
CA ASP A 162 -0.35 26.47 -17.79
C ASP A 162 -0.07 27.57 -16.76
N VAL A 163 0.70 27.25 -15.70
CA VAL A 163 0.89 28.19 -14.56
C VAL A 163 2.08 29.14 -14.74
N THR A 164 2.70 29.14 -15.91
CA THR A 164 3.86 29.96 -16.23
C THR A 164 3.47 31.46 -16.50
N MET A 165 4.24 32.34 -15.85
CA MET A 165 4.00 33.80 -15.74
C MET A 165 5.06 34.57 -16.52
N GLN A 169 3.67 39.20 -17.68
CA GLN A 169 3.64 40.69 -17.68
C GLN A 169 2.22 41.33 -17.76
N LYS A 170 1.47 41.34 -16.66
CA LYS A 170 0.27 42.19 -16.53
C LYS A 170 -0.82 42.11 -17.62
N SER A 171 -0.53 42.66 -18.81
CA SER A 171 -1.51 42.90 -19.89
C SER A 171 -1.02 42.54 -21.32
N ASP A 172 0.02 41.69 -21.41
CA ASP A 172 0.56 41.23 -22.67
C ASP A 172 0.05 39.82 -22.86
N TYR A 173 -1.15 39.72 -23.40
CA TYR A 173 -1.75 38.45 -23.71
C TYR A 173 -1.31 37.90 -25.07
N SER A 174 -0.04 38.03 -25.41
CA SER A 174 0.42 37.52 -26.69
C SER A 174 1.06 36.13 -26.64
N LEU A 175 1.12 35.50 -25.48
CA LEU A 175 1.33 34.03 -25.48
C LEU A 175 0.03 33.20 -25.60
N PHE A 176 -1.13 33.84 -25.48
CA PHE A 176 -2.46 33.19 -25.56
C PHE A 176 -2.84 32.84 -26.99
N THR A 177 -2.04 31.98 -27.59
CA THR A 177 -2.26 31.54 -28.94
C THR A 177 -2.75 30.13 -28.92
N ILE A 178 -3.20 29.69 -30.08
CA ILE A 178 -3.65 28.34 -30.25
C ILE A 178 -2.47 27.38 -30.22
N GLU A 179 -1.30 27.79 -30.71
CA GLU A 179 -0.15 26.87 -30.64
C GLU A 179 0.11 26.54 -29.16
N ARG A 180 0.04 27.55 -28.31
CA ARG A 180 0.30 27.32 -26.90
C ARG A 180 -0.80 26.50 -26.23
N TYR A 181 -2.06 26.87 -26.43
CA TYR A 181 -3.18 26.12 -25.83
C TYR A 181 -3.16 24.62 -26.21
N ASN A 182 -2.82 24.30 -27.44
CA ASN A 182 -2.71 22.91 -27.86
C ASN A 182 -1.66 22.10 -27.14
N ALA A 183 -0.58 22.75 -26.75
CA ALA A 183 0.44 22.06 -25.96
C ALA A 183 -0.02 21.92 -24.50
N ILE A 184 -0.54 23.00 -23.93
CA ILE A 184 -1.04 22.93 -22.57
C ILE A 184 -1.99 21.73 -22.48
N VAL A 185 -2.93 21.60 -23.41
CA VAL A 185 -3.98 20.59 -23.24
C VAL A 185 -3.57 19.21 -23.65
N LYS A 186 -2.59 19.09 -24.52
CA LYS A 186 -1.97 17.78 -24.79
C LYS A 186 -1.36 17.16 -23.52
N TYR A 187 -0.51 17.94 -22.87
CA TYR A 187 0.34 17.41 -21.83
C TYR A 187 -0.43 17.33 -20.52
N LYS A 188 -1.23 18.35 -20.16
CA LYS A 188 -1.87 18.35 -18.83
C LYS A 188 -3.14 17.53 -18.66
N THR A 189 -3.79 17.19 -19.76
CA THR A 189 -5.10 16.53 -19.71
C THR A 189 -5.13 15.31 -20.60
N ALA A 190 -4.84 15.47 -21.88
CA ALA A 190 -4.96 14.37 -22.82
C ALA A 190 -4.25 13.11 -22.42
N TYR A 191 -3.00 13.19 -21.99
CA TYR A 191 -2.19 11.96 -21.80
C TYR A 191 -2.73 11.09 -20.66
N TYR A 192 -3.02 11.71 -19.52
CA TYR A 192 -3.40 10.92 -18.36
C TYR A 192 -4.86 10.57 -18.34
N THR A 193 -5.67 11.33 -19.08
CA THR A 193 -7.13 11.17 -19.10
C THR A 193 -7.62 10.13 -20.10
N TYR A 194 -6.85 9.90 -21.17
CA TYR A 194 -7.25 9.00 -22.25
C TYR A 194 -6.11 8.11 -22.69
N GLN A 195 -4.92 8.64 -22.97
CA GLN A 195 -3.82 7.76 -23.39
C GLN A 195 -3.52 6.72 -22.31
N LEU A 196 -3.47 7.16 -21.06
CA LEU A 196 -3.10 6.28 -19.92
C LEU A 196 -4.14 5.13 -19.65
N PRO A 197 -5.44 5.46 -19.42
CA PRO A 197 -6.44 4.40 -19.36
C PRO A 197 -6.37 3.44 -20.54
N VAL A 198 -6.35 3.95 -21.75
CA VAL A 198 -6.40 3.03 -22.87
C VAL A 198 -5.16 2.17 -22.93
N CYS A 199 -4.03 2.81 -22.71
CA CYS A 199 -2.77 2.10 -22.79
C CYS A 199 -2.69 0.97 -21.75
N LEU A 200 -3.36 1.14 -20.59
CA LEU A 200 -3.41 0.13 -19.52
C LEU A 200 -4.29 -1.05 -19.95
N GLY A 201 -5.48 -0.70 -20.46
CA GLY A 201 -6.34 -1.61 -21.15
C GLY A 201 -5.57 -2.41 -22.18
N MET A 202 -4.72 -1.75 -22.94
CA MET A 202 -3.94 -2.52 -23.94
C MET A 202 -2.89 -3.47 -23.36
N LEU A 203 -2.33 -3.13 -22.22
CA LEU A 203 -1.25 -3.93 -21.64
C LEU A 203 -1.83 -5.17 -21.02
N LEU A 204 -2.84 -4.95 -20.18
CA LEU A 204 -3.65 -6.04 -19.66
C LEU A 204 -4.13 -6.99 -20.75
N ALA A 205 -4.58 -6.45 -21.87
CA ALA A 205 -4.98 -7.31 -23.01
C ALA A 205 -3.77 -7.90 -23.78
N ASN A 206 -2.56 -7.82 -23.25
CA ASN A 206 -1.35 -8.19 -23.98
C ASN A 206 -1.32 -7.82 -25.45
N ILE A 207 -1.62 -6.55 -25.75
CA ILE A 207 -1.40 -5.97 -27.08
C ILE A 207 -0.03 -5.29 -27.07
N SER A 208 0.76 -5.62 -28.10
CA SER A 208 2.20 -5.33 -28.15
C SER A 208 2.62 -4.32 -29.23
N ASP A 209 1.93 -4.32 -30.38
CA ASP A 209 2.41 -3.67 -31.61
C ASP A 209 2.67 -2.18 -31.39
N PRO A 210 3.95 -1.73 -31.49
CA PRO A 210 4.22 -0.28 -31.30
C PRO A 210 3.54 0.65 -32.34
N VAL A 211 3.11 0.09 -33.47
CA VAL A 211 2.32 0.80 -34.49
C VAL A 211 0.88 1.02 -34.00
N LEU A 212 0.34 0.02 -33.30
CA LEU A 212 -1.03 0.10 -32.77
C LEU A 212 -1.14 0.97 -31.54
N HIS A 213 -0.07 1.02 -30.75
CA HIS A 213 0.01 1.98 -29.64
C HIS A 213 -0.01 3.41 -30.17
N GLN A 214 0.76 3.66 -31.23
CA GLN A 214 0.84 4.97 -31.85
C GLN A 214 -0.52 5.39 -32.36
N LYS A 215 -1.17 4.53 -33.14
CA LYS A 215 -2.51 4.82 -33.67
C LYS A 215 -3.51 5.13 -32.57
N ALA A 216 -3.32 4.50 -31.41
CA ALA A 216 -4.16 4.72 -30.23
C ALA A 216 -3.89 6.05 -29.57
N GLU A 217 -2.61 6.34 -29.38
CA GLU A 217 -2.15 7.64 -28.87
C GLU A 217 -2.76 8.80 -29.70
N ASP A 218 -2.71 8.70 -31.01
CA ASP A 218 -3.12 9.80 -31.86
C ASP A 218 -4.57 10.14 -31.65
N MET A 219 -5.38 9.10 -31.52
CA MET A 219 -6.81 9.20 -31.36
C MET A 219 -7.13 9.62 -29.95
N CYS A 220 -6.37 9.08 -29.03
CA CYS A 220 -6.56 9.43 -27.63
C CYS A 220 -6.35 10.93 -27.41
N LEU A 221 -5.29 11.45 -27.97
CA LEU A 221 -4.95 12.84 -27.71
C LEU A 221 -5.97 13.79 -28.34
N GLU A 222 -6.54 13.40 -29.48
CA GLU A 222 -7.61 14.20 -30.11
C GLU A 222 -8.86 14.34 -29.24
N ILE A 223 -9.17 13.25 -28.56
CA ILE A 223 -10.34 13.20 -27.70
C ILE A 223 -10.12 14.02 -26.46
N GLY A 224 -8.90 14.00 -25.95
CA GLY A 224 -8.55 14.73 -24.73
C GLY A 224 -8.52 16.23 -24.89
N LYS A 225 -8.07 16.70 -26.06
CA LYS A 225 -8.22 18.11 -26.38
C LYS A 225 -9.71 18.48 -26.29
N PHE A 226 -10.52 17.68 -26.99
CA PHE A 226 -11.96 17.84 -27.00
C PHE A 226 -12.53 17.99 -25.58
N PHE A 227 -12.18 17.00 -24.76
CA PHE A 227 -12.59 16.93 -23.36
C PHE A 227 -12.29 18.19 -22.59
N GLN A 228 -11.09 18.71 -22.78
CA GLN A 228 -10.59 19.88 -22.08
C GLN A 228 -11.21 21.20 -22.58
N ILE A 229 -11.58 21.28 -23.85
CA ILE A 229 -12.31 22.42 -24.32
C ILE A 229 -13.68 22.49 -23.63
N GLN A 230 -14.28 21.33 -23.34
CA GLN A 230 -15.54 21.23 -22.61
C GLN A 230 -15.35 21.68 -21.18
N ASP A 231 -14.28 21.20 -20.55
CA ASP A 231 -13.94 21.64 -19.20
C ASP A 231 -13.83 23.14 -19.16
N ASP A 232 -13.16 23.75 -20.14
CA ASP A 232 -13.02 25.22 -20.18
C ASP A 232 -14.36 25.94 -20.30
N TYR A 233 -15.21 25.43 -21.19
CA TYR A 233 -16.56 25.93 -21.30
C TYR A 233 -17.31 25.91 -19.97
N ILE A 234 -17.15 24.81 -19.24
CA ILE A 234 -17.89 24.55 -18.03
C ILE A 234 -17.41 25.45 -16.88
N ASP A 235 -16.15 25.81 -16.87
CA ASP A 235 -15.63 26.72 -15.86
C ASP A 235 -16.36 28.02 -15.88
N CYS A 236 -16.64 28.50 -17.07
CA CYS A 236 -17.33 29.75 -17.19
C CYS A 236 -18.83 29.57 -17.09
N TYR A 237 -19.39 28.55 -17.76
CA TYR A 237 -20.83 28.42 -17.98
C TYR A 237 -21.50 27.24 -17.27
N GLY A 238 -20.76 26.45 -16.52
CA GLY A 238 -21.36 25.32 -15.87
C GLY A 238 -22.16 25.77 -14.67
N ASP A 239 -23.05 24.90 -14.23
CA ASP A 239 -23.85 25.15 -13.05
C ASP A 239 -23.16 24.51 -11.83
N GLU A 240 -22.87 25.30 -10.79
CA GLU A 240 -21.98 24.85 -9.69
C GLU A 240 -22.50 23.65 -8.85
N SER A 241 -23.81 23.52 -8.76
CA SER A 241 -24.43 22.39 -8.08
C SER A 241 -24.19 21.08 -8.85
N LEU A 242 -24.35 21.15 -10.17
CA LEU A 242 -24.01 20.04 -11.05
C LEU A 242 -22.48 19.76 -11.14
N THR A 243 -21.67 20.81 -11.30
CA THR A 243 -20.24 20.61 -11.61
C THR A 243 -19.42 20.31 -10.37
N GLY A 244 -19.85 20.83 -9.21
CA GLY A 244 -19.19 20.64 -7.92
C GLY A 244 -18.14 21.66 -7.55
N LYS A 245 -17.81 22.57 -8.47
CA LYS A 245 -16.65 23.48 -8.36
C LYS A 245 -17.00 24.90 -8.82
N MET A 246 -16.31 25.88 -8.26
CA MET A 246 -16.47 27.28 -8.60
C MET A 246 -15.43 27.61 -9.67
N GLY A 247 -15.86 28.28 -10.76
CA GLY A 247 -15.01 28.53 -11.93
C GLY A 247 -14.07 29.71 -11.71
N THR A 248 -12.78 29.51 -12.00
CA THR A 248 -11.72 30.48 -11.63
C THR A 248 -10.73 30.85 -12.75
N ASP A 249 -10.93 30.35 -13.97
CA ASP A 249 -10.01 30.64 -15.07
C ASP A 249 -9.92 32.14 -15.36
N ILE A 250 -11.03 32.89 -15.18
CA ILE A 250 -11.04 34.33 -15.46
C ILE A 250 -10.17 35.05 -14.47
N GLN A 251 -10.41 34.78 -13.18
CA GLN A 251 -9.73 35.52 -12.10
C GLN A 251 -8.23 35.23 -12.06
N GLU A 252 -7.86 34.01 -12.42
CA GLU A 252 -6.47 33.57 -12.40
C GLU A 252 -5.84 33.80 -13.75
N ALA A 253 -6.60 34.33 -14.70
CA ALA A 253 -6.01 34.75 -15.95
C ALA A 253 -5.47 33.55 -16.71
N LYS A 254 -6.24 32.48 -16.77
CA LYS A 254 -5.74 31.29 -17.46
C LYS A 254 -5.98 31.45 -18.94
N CYS A 255 -5.06 30.85 -19.68
CA CYS A 255 -5.17 30.55 -21.12
C CYS A 255 -6.18 29.40 -21.35
N SER A 256 -7.47 29.69 -21.20
CA SER A 256 -8.51 28.73 -21.50
C SER A 256 -8.92 28.90 -22.97
N TRP A 257 -9.64 27.92 -23.49
CA TRP A 257 -10.15 28.00 -24.86
C TRP A 257 -10.94 29.29 -25.05
N LEU A 258 -11.73 29.69 -24.06
CA LEU A 258 -12.59 30.87 -24.21
C LEU A 258 -11.82 32.18 -24.41
N ALA A 259 -10.72 32.32 -23.69
CA ALA A 259 -9.90 33.49 -23.83
C ALA A 259 -9.13 33.42 -25.13
N VAL A 260 -8.57 32.26 -25.48
CA VAL A 260 -7.98 32.11 -26.83
C VAL A 260 -8.98 32.60 -27.84
N MET A 261 -10.20 32.08 -27.82
CA MET A 261 -11.23 32.49 -28.80
C MET A 261 -11.66 33.93 -28.69
N ALA A 262 -11.78 34.50 -27.47
CA ALA A 262 -12.12 35.92 -27.30
C ALA A 262 -11.16 36.80 -28.05
N LEU A 263 -9.88 36.53 -27.92
CA LEU A 263 -8.84 37.35 -28.56
C LEU A 263 -8.84 37.21 -30.06
N GLN A 264 -9.19 36.04 -30.55
CA GLN A 264 -9.35 35.85 -32.01
C GLN A 264 -10.40 36.75 -32.58
N ARG A 265 -11.45 37.04 -31.81
CA ARG A 265 -12.65 37.77 -32.26
C ARG A 265 -12.76 39.23 -31.87
N CYS A 266 -11.90 39.70 -30.97
CA CYS A 266 -12.07 41.03 -30.44
C CYS A 266 -11.85 42.10 -31.50
N SER A 267 -12.63 43.16 -31.47
CA SER A 267 -12.25 44.43 -32.09
C SER A 267 -11.16 45.07 -31.23
N ALA A 268 -10.67 46.21 -31.64
CA ALA A 268 -9.59 46.89 -30.92
C ALA A 268 -10.03 47.38 -29.55
N SER A 269 -11.21 48.01 -29.48
CA SER A 269 -11.77 48.47 -28.21
C SER A 269 -12.03 47.29 -27.27
N GLN A 270 -12.64 46.23 -27.77
CA GLN A 270 -12.86 45.00 -26.97
C GLN A 270 -11.57 44.34 -26.38
N LYS A 271 -10.51 44.29 -27.17
CA LYS A 271 -9.19 43.88 -26.67
C LYS A 271 -8.74 44.71 -25.44
N ILE A 272 -9.04 46.01 -25.43
CA ILE A 272 -8.73 46.89 -24.30
C ILE A 272 -9.51 46.41 -23.10
N VAL A 273 -10.81 46.24 -23.27
CA VAL A 273 -11.67 45.78 -22.17
C VAL A 273 -11.14 44.48 -21.52
N PHE A 274 -10.86 43.52 -22.39
CA PHE A 274 -10.26 42.26 -22.02
C PHE A 274 -8.93 42.37 -21.27
N THR A 275 -7.94 43.10 -21.80
CA THR A 275 -6.64 43.20 -21.10
C THR A 275 -6.67 44.10 -19.85
N THR A 276 -7.80 44.75 -19.62
CA THR A 276 -8.06 45.56 -18.43
C THR A 276 -8.67 44.73 -17.28
N CYS A 277 -9.70 43.95 -17.62
CA CYS A 277 -10.55 43.24 -16.64
C CYS A 277 -10.27 41.77 -16.45
N TYR A 278 -9.56 41.13 -17.37
CA TYR A 278 -9.20 39.70 -17.24
C TYR A 278 -8.14 39.59 -16.16
N GLY A 279 -8.24 38.58 -15.31
CA GLY A 279 -7.22 38.29 -14.30
C GLY A 279 -7.40 39.00 -12.98
N SER A 280 -8.56 39.58 -12.73
CA SER A 280 -8.80 40.28 -11.48
C SER A 280 -9.91 39.56 -10.74
N LYS A 281 -9.87 39.66 -9.41
CA LYS A 281 -10.86 38.99 -8.55
C LYS A 281 -12.02 39.88 -8.18
N GLU A 282 -11.96 41.19 -8.48
CA GLU A 282 -13.14 42.05 -8.36
C GLU A 282 -14.27 41.42 -9.18
N PRO A 283 -15.50 41.41 -8.62
CA PRO A 283 -16.65 40.86 -9.37
C PRO A 283 -17.27 41.78 -10.46
N ALA A 284 -16.95 43.08 -10.44
CA ALA A 284 -17.28 43.95 -11.56
C ALA A 284 -16.53 43.47 -12.81
N HIS A 285 -15.23 43.26 -12.64
CA HIS A 285 -14.34 42.84 -13.72
C HIS A 285 -14.67 41.47 -14.35
N ILE A 286 -15.02 40.50 -13.52
CA ILE A 286 -15.43 39.17 -13.96
C ILE A 286 -16.78 39.19 -14.73
N GLU A 287 -17.74 40.01 -14.29
CA GLU A 287 -19.03 40.19 -15.01
C GLU A 287 -18.79 40.82 -16.41
N ARG A 288 -17.92 41.82 -16.49
CA ARG A 288 -17.62 42.50 -17.75
C ARG A 288 -17.04 41.50 -18.76
N ILE A 289 -16.12 40.62 -18.33
CA ILE A 289 -15.55 39.58 -19.16
C ILE A 289 -16.60 38.55 -19.62
N LYS A 290 -17.62 38.33 -18.81
CA LYS A 290 -18.66 37.39 -19.25
C LYS A 290 -19.64 38.05 -20.22
N GLU A 291 -19.90 39.35 -20.00
CA GLU A 291 -20.64 40.22 -20.95
C GLU A 291 -19.95 40.28 -22.33
N LEU A 292 -18.61 40.26 -22.32
CA LEU A 292 -17.81 40.29 -23.53
C LEU A 292 -17.78 38.97 -24.25
N TYR A 293 -17.56 37.86 -23.52
CA TYR A 293 -17.78 36.51 -24.06
C TYR A 293 -19.17 36.31 -24.70
N LYS A 294 -20.17 36.96 -24.13
CA LYS A 294 -21.54 36.97 -24.68
C LYS A 294 -21.66 37.71 -26.04
N GLN A 295 -21.07 38.90 -26.19
CA GLN A 295 -21.10 39.67 -27.49
C GLN A 295 -20.27 39.01 -28.63
N LEU A 296 -19.16 38.36 -28.25
CA LEU A 296 -18.28 37.76 -29.22
C LEU A 296 -18.88 36.44 -29.61
N GLN A 297 -20.07 36.11 -29.07
CA GLN A 297 -20.91 34.99 -29.52
C GLN A 297 -20.22 33.63 -29.29
N LEU A 298 -19.50 33.53 -28.17
CA LEU A 298 -18.66 32.36 -27.93
C LEU A 298 -19.42 31.13 -27.53
N PRO A 299 -20.52 31.29 -26.75
CA PRO A 299 -21.39 30.14 -26.49
C PRO A 299 -21.93 29.48 -27.75
N GLU A 300 -22.16 30.25 -28.80
CA GLU A 300 -22.65 29.66 -30.07
C GLU A 300 -21.50 28.97 -30.81
N LEU A 301 -20.31 29.59 -30.83
CA LEU A 301 -19.12 28.96 -31.46
C LEU A 301 -18.83 27.63 -30.84
N TYR A 302 -18.99 27.60 -29.52
CA TYR A 302 -18.75 26.39 -28.74
C TYR A 302 -19.59 25.26 -29.26
N ALA A 303 -20.89 25.54 -29.40
CA ALA A 303 -21.86 24.58 -29.86
C ALA A 303 -21.47 24.02 -31.23
N GLN A 304 -21.13 24.89 -32.18
CA GLN A 304 -20.65 24.46 -33.52
C GLN A 304 -19.38 23.58 -33.44
N GLU A 305 -18.47 23.99 -32.56
CA GLU A 305 -17.19 23.37 -32.49
C GLU A 305 -17.28 22.05 -31.79
N GLU A 306 -18.07 21.97 -30.72
CA GLU A 306 -18.36 20.69 -30.06
C GLU A 306 -18.81 19.67 -31.13
N THR A 307 -19.79 20.05 -31.96
CA THR A 307 -20.30 19.18 -33.04
C THR A 307 -19.32 18.91 -34.17
N ARG A 308 -18.46 19.88 -34.51
CA ARG A 308 -17.52 19.72 -35.64
C ARG A 308 -16.41 18.72 -35.25
N MET A 309 -15.90 18.89 -34.03
CA MET A 309 -14.97 17.93 -33.46
C MET A 309 -15.64 16.57 -33.21
N TYR A 310 -16.88 16.56 -32.76
CA TYR A 310 -17.57 15.30 -32.53
C TYR A 310 -17.54 14.46 -33.80
N GLU A 311 -17.97 15.08 -34.90
CA GLU A 311 -18.03 14.39 -36.19
C GLU A 311 -16.64 13.93 -36.61
N SER A 312 -15.66 14.81 -36.44
CA SER A 312 -14.29 14.55 -36.81
C SER A 312 -13.68 13.37 -36.07
N LEU A 313 -14.03 13.23 -34.80
CA LEU A 313 -13.47 12.18 -33.97
C LEU A 313 -14.08 10.85 -34.42
N ILE A 314 -15.42 10.79 -34.44
CA ILE A 314 -16.17 9.61 -34.93
C ILE A 314 -15.59 9.11 -36.27
N LYS A 315 -15.29 10.03 -37.18
CA LYS A 315 -14.68 9.67 -38.48
C LYS A 315 -13.27 9.07 -38.34
N GLN A 316 -12.49 9.53 -37.35
CA GLN A 316 -11.12 9.09 -37.15
C GLN A 316 -11.14 7.74 -36.43
N ALA A 317 -12.10 7.61 -35.51
CA ALA A 317 -12.44 6.32 -34.86
C ALA A 317 -12.83 5.18 -35.81
N HIS A 318 -13.75 5.43 -36.74
CA HIS A 318 -14.07 4.44 -37.81
C HIS A 318 -12.89 4.16 -38.75
N GLY A 319 -11.81 4.93 -38.69
CA GLY A 319 -10.63 4.71 -39.53
C GLY A 319 -9.62 3.74 -38.94
N LEU A 320 -9.85 3.30 -37.72
CA LEU A 320 -8.88 2.50 -36.97
C LEU A 320 -8.94 1.01 -37.34
N PRO A 321 -7.80 0.30 -37.28
CA PRO A 321 -7.85 -1.19 -37.36
C PRO A 321 -8.71 -1.83 -36.26
N SER A 322 -9.36 -2.94 -36.55
CA SER A 322 -10.33 -3.56 -35.61
C SER A 322 -9.70 -4.17 -34.33
N GLU A 323 -8.44 -4.59 -34.42
CA GLU A 323 -7.63 -4.98 -33.24
C GLU A 323 -7.71 -3.95 -32.11
N LEU A 324 -7.83 -2.67 -32.49
CA LEU A 324 -8.14 -1.57 -31.57
C LEU A 324 -9.62 -1.27 -31.22
N SER A 325 -10.59 -1.80 -31.94
CA SER A 325 -12.00 -1.55 -31.64
C SER A 325 -12.49 -0.10 -31.90
N PRO A 326 -12.95 0.17 -33.12
CA PRO A 326 -13.70 1.41 -33.28
C PRO A 326 -14.85 1.61 -32.26
N ALA A 327 -15.55 0.55 -31.88
CA ALA A 327 -16.70 0.69 -30.97
C ALA A 327 -16.31 1.38 -29.67
N LEU A 328 -15.12 1.02 -29.18
CA LEU A 328 -14.55 1.55 -27.95
C LEU A 328 -14.40 3.06 -27.95
N PHE A 329 -13.80 3.57 -29.01
CA PHE A 329 -13.61 4.99 -29.15
C PHE A 329 -14.87 5.76 -29.41
N VAL A 330 -15.74 5.20 -30.24
CA VAL A 330 -17.07 5.74 -30.47
C VAL A 330 -17.78 5.96 -29.15
N ARG A 331 -17.74 4.96 -28.27
CA ARG A 331 -18.46 5.05 -27.01
C ARG A 331 -17.82 6.08 -26.10
N LEU A 332 -16.48 6.11 -26.05
CA LEU A 332 -15.74 7.08 -25.23
C LEU A 332 -16.10 8.52 -25.61
N ILE A 333 -16.30 8.71 -26.91
CA ILE A 333 -16.70 9.99 -27.45
C ILE A 333 -18.12 10.39 -27.05
N HIS A 334 -19.02 9.40 -27.11
CA HIS A 334 -20.42 9.57 -26.72
C HIS A 334 -20.54 9.83 -25.25
N MET A 335 -19.69 9.21 -24.44
CA MET A 335 -19.70 9.45 -22.98
C MET A 335 -19.55 10.94 -22.63
N ILE A 336 -18.80 11.66 -23.46
CA ILE A 336 -18.52 13.08 -23.19
C ILE A 336 -19.30 14.04 -24.05
N TYR A 337 -19.77 13.60 -25.22
CA TYR A 337 -20.38 14.54 -26.16
C TYR A 337 -21.60 15.18 -25.49
N LYS A 338 -21.72 16.50 -25.59
CA LYS A 338 -22.84 17.29 -24.99
C LYS A 338 -22.90 17.36 -23.46
N ARG A 339 -21.89 16.83 -22.75
CA ARG A 339 -21.87 16.83 -21.30
C ARG A 339 -21.94 18.23 -20.72
N ASN A 340 -22.39 18.34 -19.48
CA ASN A 340 -22.53 19.65 -18.81
C ASN A 340 -22.06 19.69 -17.36
N HIS A 341 -21.19 18.75 -16.99
CA HIS A 341 -20.52 18.81 -15.69
C HIS A 341 -19.24 17.99 -15.67
N LYS B 2 36.15 11.25 -3.82
CA LYS B 2 36.05 12.74 -3.93
C LYS B 2 34.67 13.26 -4.39
N LYS B 3 34.31 14.39 -3.78
CA LYS B 3 33.12 15.14 -4.12
C LYS B 3 33.18 15.79 -5.51
N GLU B 4 34.18 16.61 -5.77
CA GLU B 4 34.32 17.23 -7.08
C GLU B 4 34.35 16.23 -8.30
N SER B 5 34.72 14.95 -8.08
CA SER B 5 34.57 13.91 -9.15
C SER B 5 33.09 13.38 -9.32
N PHE B 6 32.35 13.39 -8.21
CA PHE B 6 30.90 13.23 -8.21
C PHE B 6 30.21 14.40 -8.93
N GLU B 7 30.55 15.66 -8.63
CA GLU B 7 29.95 16.85 -9.30
C GLU B 7 30.26 16.94 -10.79
N ASP B 8 31.33 16.28 -11.25
CA ASP B 8 31.77 16.24 -12.70
C ASP B 8 30.80 15.51 -13.63
N VAL B 9 30.09 14.54 -13.09
CA VAL B 9 29.10 13.79 -13.83
C VAL B 9 27.76 14.54 -13.99
N LEU B 10 27.50 15.58 -13.19
CA LEU B 10 26.14 16.25 -13.21
C LEU B 10 25.67 16.74 -14.60
N PRO B 11 26.58 17.29 -15.42
CA PRO B 11 26.12 17.75 -16.75
C PRO B 11 25.62 16.66 -17.69
N SER B 12 26.12 15.43 -17.55
CA SER B 12 25.64 14.31 -18.38
C SER B 12 24.31 13.74 -17.88
N ILE B 13 24.07 13.81 -16.58
CA ILE B 13 22.76 13.50 -15.97
C ILE B 13 21.68 14.46 -16.53
N LEU B 14 21.86 15.76 -16.29
CA LEU B 14 20.94 16.82 -16.74
C LEU B 14 20.60 16.68 -18.20
N ASN B 15 21.62 16.29 -18.95
CA ASN B 15 21.55 16.01 -20.37
C ASN B 15 20.65 14.79 -20.64
N THR B 16 20.88 13.68 -19.95
CA THR B 16 20.03 12.49 -20.08
C THR B 16 18.57 12.76 -19.76
N ILE B 17 18.28 13.65 -18.80
CA ILE B 17 16.88 13.99 -18.46
C ILE B 17 16.16 14.64 -19.64
N THR B 18 16.85 15.52 -20.38
CA THR B 18 16.26 16.18 -21.57
C THR B 18 16.00 15.23 -22.81
N THR B 19 17.10 14.87 -23.48
CA THR B 19 17.08 13.95 -24.60
C THR B 19 16.20 12.69 -24.39
N ASN B 20 16.20 12.10 -23.20
CA ASN B 20 15.45 10.82 -22.92
C ASN B 20 13.92 10.95 -22.71
N SER B 21 13.36 12.16 -22.73
CA SER B 21 11.94 12.32 -22.47
C SER B 21 11.23 12.98 -23.63
N GLU B 22 9.93 13.23 -23.44
CA GLU B 22 9.13 14.14 -24.30
C GLU B 22 9.63 15.60 -24.26
N LEU B 23 10.45 15.97 -23.27
CA LEU B 23 11.07 17.33 -23.17
C LEU B 23 11.84 17.77 -24.41
N THR B 24 12.39 16.79 -25.15
CA THR B 24 12.95 17.06 -26.48
C THR B 24 12.00 17.87 -27.39
N GLU B 25 10.69 17.85 -27.13
CA GLU B 25 9.63 18.54 -27.91
C GLU B 25 9.13 19.83 -27.31
N VAL B 26 9.50 20.12 -26.07
CA VAL B 26 9.02 21.30 -25.34
C VAL B 26 10.26 21.98 -24.74
N PRO B 27 11.04 22.70 -25.57
CA PRO B 27 12.35 23.18 -25.09
C PRO B 27 12.20 24.27 -24.03
N GLU B 28 11.09 25.03 -24.07
CA GLU B 28 10.72 25.88 -22.94
C GLU B 28 10.79 25.11 -21.58
N VAL B 29 10.14 23.94 -21.50
CA VAL B 29 10.06 23.21 -20.22
C VAL B 29 11.35 22.46 -19.90
N ALA B 30 11.96 21.86 -20.91
CA ALA B 30 13.30 21.30 -20.77
C ALA B 30 14.31 22.27 -20.12
N ASN B 31 14.23 23.56 -20.46
CA ASN B 31 15.13 24.56 -19.86
C ASN B 31 14.79 24.91 -18.43
N TRP B 32 13.49 25.08 -18.17
CA TRP B 32 13.00 25.36 -16.84
C TRP B 32 13.41 24.28 -15.85
N LEU B 33 13.33 23.03 -16.29
CA LEU B 33 13.75 21.86 -15.51
C LEU B 33 15.26 21.84 -15.32
N LYS B 34 16.00 22.26 -16.33
CA LYS B 34 17.41 22.47 -16.10
C LYS B 34 17.70 23.54 -14.98
N LYS B 35 16.94 24.64 -14.91
CA LYS B 35 17.08 25.62 -13.81
C LYS B 35 16.63 25.08 -12.44
N VAL B 36 15.54 24.34 -12.42
CA VAL B 36 15.05 23.77 -11.18
C VAL B 36 16.10 22.83 -10.59
N LEU B 37 16.61 21.94 -11.43
CA LEU B 37 17.63 20.97 -11.01
C LEU B 37 18.91 21.66 -10.55
N GLU B 38 19.41 22.62 -11.34
CA GLU B 38 20.67 23.27 -11.01
C GLU B 38 20.55 24.05 -9.69
N TYR B 39 19.49 24.81 -9.50
CA TYR B 39 19.29 25.56 -8.24
C TYR B 39 19.07 24.66 -7.01
N ASN B 40 18.28 23.61 -7.17
CA ASN B 40 17.95 22.73 -6.05
C ASN B 40 18.88 21.55 -5.86
N LEU B 41 19.92 21.39 -6.68
CA LEU B 41 20.96 20.44 -6.41
C LEU B 41 22.25 21.09 -5.89
N ALA B 42 22.39 22.41 -6.10
CA ALA B 42 23.60 23.23 -5.76
C ALA B 42 23.74 23.49 -4.29
N GLY B 43 24.99 23.50 -3.81
CA GLY B 43 25.27 23.77 -2.40
C GLY B 43 24.90 22.54 -1.63
N GLY B 44 25.24 22.50 -0.37
CA GLY B 44 24.98 21.24 0.34
C GLY B 44 26.06 20.17 0.12
N LYS B 45 26.02 19.18 1.00
CA LYS B 45 27.15 18.31 1.26
C LYS B 45 27.28 17.19 0.30
N LYS B 46 26.22 16.94 -0.49
CA LYS B 46 26.17 15.82 -1.45
C LYS B 46 26.35 14.42 -0.78
N ALA B 47 26.08 14.34 0.53
CA ALA B 47 26.44 13.19 1.32
C ALA B 47 25.69 11.92 0.98
N ARG B 48 24.42 12.03 0.66
CA ARG B 48 23.67 10.79 0.34
C ARG B 48 24.11 10.29 -1.01
N GLY B 49 24.33 11.17 -1.96
CA GLY B 49 24.97 10.74 -3.20
C GLY B 49 26.31 10.02 -2.99
N LEU B 50 27.16 10.63 -2.20
CA LEU B 50 28.44 10.04 -1.88
C LEU B 50 28.30 8.68 -1.15
N THR B 51 27.34 8.59 -0.24
CA THR B 51 27.14 7.38 0.54
C THR B 51 26.85 6.23 -0.42
N THR B 52 26.21 6.56 -1.53
CA THR B 52 25.81 5.59 -2.52
C THR B 52 27.03 5.05 -3.16
N LEU B 53 27.91 5.97 -3.53
CA LEU B 53 29.17 5.62 -4.14
C LEU B 53 30.06 4.84 -3.20
N PHE B 54 30.23 5.31 -1.96
CA PHE B 54 31.09 4.64 -0.98
C PHE B 54 30.58 3.27 -0.62
N ALA B 55 29.28 3.16 -0.41
CA ALA B 55 28.69 1.87 -0.14
C ALA B 55 29.02 0.89 -1.25
N TYR B 56 28.79 1.26 -2.51
CA TYR B 56 29.14 0.37 -3.61
C TYR B 56 30.62 -0.02 -3.51
N GLU B 57 31.49 0.97 -3.61
CA GLU B 57 32.94 0.76 -3.67
C GLU B 57 33.49 -0.06 -2.52
N MET B 58 32.84 -0.06 -1.36
CA MET B 58 33.30 -0.83 -0.22
C MET B 58 32.58 -2.17 0.05
N LEU B 59 31.45 -2.42 -0.64
CA LEU B 59 30.72 -3.68 -0.48
C LEU B 59 31.05 -4.62 -1.63
N GLU B 60 31.19 -4.06 -2.82
CA GLU B 60 31.71 -4.80 -3.97
C GLU B 60 33.10 -5.40 -3.68
N LYS B 61 33.38 -6.50 -4.41
CA LYS B 61 34.67 -7.18 -4.39
C LYS B 61 35.60 -6.40 -5.36
N PRO B 62 36.77 -5.97 -4.88
CA PRO B 62 37.54 -4.87 -5.54
C PRO B 62 37.83 -4.93 -7.06
N GLU B 63 37.85 -6.12 -7.64
CA GLU B 63 38.34 -6.31 -9.02
C GLU B 63 37.20 -6.20 -10.06
N ASN B 64 35.95 -6.32 -9.57
CA ASN B 64 34.70 -5.93 -10.29
C ASN B 64 34.45 -4.46 -10.51
N ILE B 65 35.14 -3.62 -9.75
CA ILE B 65 34.95 -2.19 -9.85
C ILE B 65 35.60 -1.71 -11.12
N THR B 66 34.82 -1.22 -12.08
CA THR B 66 35.32 -0.75 -13.38
C THR B 66 35.01 0.76 -13.57
N GLU B 67 35.70 1.42 -14.50
CA GLU B 67 35.35 2.80 -14.87
C GLU B 67 33.81 2.95 -15.14
N GLU B 68 33.16 1.89 -15.63
CA GLU B 68 31.69 1.88 -15.85
C GLU B 68 30.82 1.72 -14.60
N THR B 69 31.00 0.67 -13.81
CA THR B 69 30.13 0.54 -12.63
C THR B 69 30.22 1.74 -11.66
N ILE B 70 31.36 2.45 -11.66
CA ILE B 70 31.57 3.65 -10.85
C ILE B 70 30.72 4.79 -11.40
N TYR B 71 30.65 4.88 -12.73
CA TYR B 71 29.78 5.87 -13.38
C TYR B 71 28.30 5.56 -13.03
N LEU B 72 28.01 4.27 -12.89
CA LEU B 72 26.68 3.82 -12.60
C LEU B 72 26.37 4.12 -11.15
N ALA B 73 27.31 3.89 -10.27
CA ALA B 73 27.11 4.25 -8.88
C ALA B 73 26.96 5.78 -8.75
N LYS B 74 27.64 6.58 -9.57
CA LYS B 74 27.48 8.04 -9.48
C LYS B 74 26.12 8.45 -10.00
N THR B 75 25.71 7.82 -11.09
CA THR B 75 24.37 8.00 -11.58
C THR B 75 23.32 7.74 -10.49
N LEU B 76 23.42 6.64 -9.75
CA LEU B 76 22.45 6.36 -8.69
C LEU B 76 22.48 7.37 -7.53
N GLY B 77 23.65 7.93 -7.29
CA GLY B 77 23.83 8.89 -6.23
C GLY B 77 23.10 10.14 -6.61
N TRP B 78 23.18 10.47 -7.90
CA TRP B 78 22.54 11.66 -8.36
C TRP B 78 21.03 11.55 -8.33
N CYS B 79 20.51 10.32 -8.44
CA CYS B 79 19.09 10.07 -8.29
C CYS B 79 18.68 10.35 -6.86
N VAL B 80 19.52 10.00 -5.91
CA VAL B 80 19.22 10.25 -4.51
C VAL B 80 19.30 11.70 -4.21
N GLU B 81 20.17 12.40 -4.89
CA GLU B 81 20.34 13.81 -4.62
C GLU B 81 19.14 14.58 -5.11
N ILE B 82 18.60 14.14 -6.26
CA ILE B 82 17.38 14.69 -6.82
C ILE B 82 16.19 14.45 -5.87
N LEU B 83 16.15 13.26 -5.26
CA LEU B 83 15.12 12.92 -4.29
C LEU B 83 15.24 13.85 -3.10
N GLN B 84 16.46 14.06 -2.62
CA GLN B 84 16.69 15.02 -1.54
C GLN B 84 16.10 16.39 -1.87
N GLY B 85 16.31 16.78 -3.13
CA GLY B 85 15.88 18.10 -3.59
C GLY B 85 14.39 18.22 -3.59
N PHE B 86 13.73 17.10 -3.87
CA PHE B 86 12.27 17.07 -3.96
C PHE B 86 11.73 17.21 -2.55
N LEU B 87 12.36 16.51 -1.63
CA LEU B 87 11.84 16.48 -0.30
C LEU B 87 12.08 17.78 0.42
N VAL B 88 13.22 18.39 0.23
CA VAL B 88 13.46 19.65 0.92
C VAL B 88 12.54 20.72 0.35
N MET B 89 12.33 20.69 -0.95
CA MET B 89 11.43 21.64 -1.58
C MET B 89 9.99 21.59 -1.04
N LEU B 90 9.49 20.38 -0.77
CA LEU B 90 8.20 20.21 -0.07
C LEU B 90 8.26 20.46 1.41
N ASP B 91 9.38 20.13 2.06
CA ASP B 91 9.49 20.35 3.50
C ASP B 91 9.49 21.85 3.74
N ASP B 92 10.16 22.60 2.85
CA ASP B 92 10.35 24.02 3.10
C ASP B 92 9.04 24.78 3.03
N ILE B 93 8.14 24.32 2.16
CA ILE B 93 6.78 24.87 2.09
C ILE B 93 6.06 24.63 3.39
N MET B 94 6.04 23.38 3.85
CA MET B 94 5.30 23.00 5.06
C MET B 94 5.90 23.60 6.32
N ASP B 95 7.21 23.54 6.47
CA ASP B 95 7.89 24.17 7.60
C ASP B 95 7.93 25.73 7.57
N GLY B 96 7.57 26.39 6.47
CA GLY B 96 7.60 27.86 6.44
C GLY B 96 9.02 28.39 6.54
N SER B 97 9.92 27.77 5.80
CA SER B 97 11.30 28.20 5.80
C SER B 97 11.50 29.32 4.81
N THR B 98 12.54 30.09 5.06
CA THR B 98 12.90 31.23 4.26
C THR B 98 14.13 30.86 3.38
N THR B 99 15.12 30.17 3.93
CA THR B 99 16.33 29.88 3.18
C THR B 99 16.86 28.45 3.34
N ARG B 100 17.44 27.93 2.27
CA ARG B 100 18.15 26.70 2.33
C ARG B 100 19.40 26.73 1.52
N ARG B 101 20.49 26.16 2.05
CA ARG B 101 21.77 26.05 1.33
C ARG B 101 22.33 27.38 0.98
N GLY B 102 22.12 28.32 1.87
CA GLY B 102 22.65 29.67 1.73
C GLY B 102 21.88 30.61 0.82
N VAL B 103 20.72 30.20 0.28
CA VAL B 103 19.96 30.97 -0.71
C VAL B 103 18.45 30.84 -0.39
N PRO B 104 17.58 31.59 -1.09
CA PRO B 104 16.17 31.39 -0.79
C PRO B 104 15.63 30.00 -1.20
N CYS B 105 14.75 29.41 -0.37
CA CYS B 105 14.00 28.21 -0.74
C CYS B 105 13.32 28.47 -2.07
N TRP B 106 13.22 27.44 -2.90
CA TRP B 106 12.67 27.63 -4.23
C TRP B 106 11.30 28.28 -4.19
N TYR B 107 10.42 27.78 -3.34
CA TYR B 107 9.07 28.29 -3.30
C TYR B 107 9.02 29.78 -2.85
N GLN B 108 10.03 30.25 -2.14
CA GLN B 108 10.18 31.63 -1.78
C GLN B 108 10.54 32.56 -2.95
N LEU B 109 11.07 32.02 -4.04
CA LEU B 109 11.42 32.88 -5.14
C LEU B 109 10.17 33.53 -5.69
N PRO B 110 10.25 34.81 -6.09
CA PRO B 110 9.06 35.62 -6.33
C PRO B 110 8.18 35.10 -7.47
N GLU B 111 8.79 34.56 -8.52
CA GLU B 111 8.05 34.03 -9.68
C GLU B 111 7.47 32.60 -9.53
N VAL B 112 7.89 31.90 -8.49
CA VAL B 112 7.58 30.50 -8.33
C VAL B 112 6.38 30.37 -7.40
N GLY B 113 6.52 30.85 -6.17
CA GLY B 113 5.46 30.70 -5.16
C GLY B 113 5.02 29.27 -4.94
N LEU B 114 3.71 29.07 -4.90
CA LEU B 114 3.16 27.73 -4.69
C LEU B 114 3.20 26.82 -5.91
N ALA B 115 3.43 27.34 -7.09
CA ALA B 115 3.75 26.48 -8.24
C ALA B 115 5.01 25.61 -8.05
N ALA B 116 5.74 25.80 -6.95
CA ALA B 116 6.80 24.85 -6.55
C ALA B 116 6.32 23.41 -6.40
N VAL B 117 5.05 23.21 -6.06
CA VAL B 117 4.57 21.83 -5.93
C VAL B 117 4.62 21.10 -7.28
N ASN B 118 4.41 21.82 -8.37
CA ASN B 118 4.57 21.22 -9.72
C ASN B 118 6.01 20.90 -10.15
N ASP B 119 6.95 21.73 -9.71
CA ASP B 119 8.37 21.49 -9.97
C ASP B 119 8.86 20.29 -9.19
N SER B 120 8.32 20.09 -8.00
CA SER B 120 8.66 18.92 -7.23
C SER B 120 8.25 17.63 -8.01
N SER B 121 7.07 17.67 -8.63
CA SER B 121 6.57 16.56 -9.43
C SER B 121 7.47 16.33 -10.62
N LEU B 122 7.99 17.40 -11.21
CA LEU B 122 8.92 17.28 -12.31
C LEU B 122 10.18 16.57 -11.87
N MET B 123 10.75 17.04 -10.77
CA MET B 123 11.98 16.53 -10.29
C MET B 123 11.83 15.08 -9.96
N PHE B 124 10.68 14.73 -9.40
CA PHE B 124 10.46 13.35 -9.03
C PHE B 124 10.33 12.44 -10.23
N SER B 125 9.68 12.93 -11.26
CA SER B 125 9.59 12.17 -12.49
C SER B 125 10.96 11.96 -13.19
N SER B 126 11.86 12.92 -13.05
CA SER B 126 13.20 12.85 -13.61
C SER B 126 13.99 11.64 -13.17
N ILE B 127 13.97 11.40 -11.88
CA ILE B 127 14.63 10.24 -11.31
C ILE B 127 14.48 9.02 -12.23
N PHE B 128 13.29 8.79 -12.77
CA PHE B 128 13.04 7.50 -13.46
C PHE B 128 13.50 7.47 -14.92
N TYR B 129 13.54 8.62 -15.58
CA TYR B 129 14.19 8.69 -16.88
C TYR B 129 15.67 8.38 -16.77
N VAL B 130 16.30 8.84 -15.70
CA VAL B 130 17.71 8.53 -15.48
C VAL B 130 17.87 7.04 -15.26
N LEU B 131 17.15 6.47 -14.30
CA LEU B 131 17.16 5.01 -14.13
C LEU B 131 16.87 4.24 -15.43
N HIS B 132 15.90 4.69 -16.22
CA HIS B 132 15.57 3.95 -17.45
C HIS B 132 16.76 3.95 -18.40
N ALA B 133 17.35 5.13 -18.57
CA ALA B 133 18.46 5.33 -19.51
C ALA B 133 19.70 4.46 -19.25
N HIS B 134 19.93 4.11 -17.99
CA HIS B 134 21.13 3.43 -17.60
C HIS B 134 20.88 1.98 -17.12
N PHE B 135 19.66 1.65 -16.73
CA PHE B 135 19.44 0.35 -16.14
C PHE B 135 18.30 -0.43 -16.81
N ALA B 136 17.66 0.09 -17.85
CA ALA B 136 16.46 -0.59 -18.42
C ALA B 136 16.71 -2.05 -18.70
N ASP B 137 17.91 -2.38 -19.14
CA ASP B 137 18.19 -3.73 -19.61
C ASP B 137 19.07 -4.53 -18.65
N LYS B 138 18.85 -4.33 -17.32
CA LYS B 138 19.53 -5.11 -16.28
C LYS B 138 18.54 -5.73 -15.32
N LYS B 139 18.97 -6.78 -14.63
CA LYS B 139 18.07 -7.49 -13.71
C LYS B 139 17.70 -6.70 -12.46
N ILE B 140 18.54 -5.75 -12.06
CA ILE B 140 18.25 -4.93 -10.89
C ILE B 140 17.26 -3.76 -11.16
N TYR B 141 16.94 -3.48 -12.42
CA TYR B 141 16.05 -2.35 -12.75
C TYR B 141 14.80 -2.27 -11.89
N THR B 142 13.99 -3.33 -11.86
CA THR B 142 12.71 -3.25 -11.14
C THR B 142 12.95 -2.91 -9.65
N ASN B 143 13.99 -3.48 -9.06
CA ASN B 143 14.34 -3.20 -7.65
C ASN B 143 14.68 -1.74 -7.41
N LEU B 144 15.44 -1.17 -8.33
CA LEU B 144 15.86 0.21 -8.25
C LEU B 144 14.61 1.06 -8.23
N VAL B 145 13.71 0.79 -9.17
CA VAL B 145 12.49 1.55 -9.22
C VAL B 145 11.68 1.44 -7.90
N GLU B 146 11.59 0.24 -7.33
CA GLU B 146 10.83 -0.03 -6.11
C GLU B 146 11.41 0.69 -4.90
N LEU B 147 12.73 0.67 -4.84
CA LEU B 147 13.44 1.39 -3.79
C LEU B 147 13.08 2.84 -3.75
N PHE B 148 13.14 3.49 -4.90
CA PHE B 148 12.77 4.86 -4.94
C PHE B 148 11.33 5.09 -4.49
N ASN B 149 10.38 4.27 -4.93
CA ASN B 149 8.97 4.51 -4.61
C ASN B 149 8.68 4.18 -3.13
N GLU B 150 9.31 3.14 -2.61
CA GLU B 150 9.28 2.92 -1.16
C GLU B 150 9.82 4.13 -0.37
N SER B 151 10.81 4.82 -0.92
CA SER B 151 11.44 5.90 -0.19
C SER B 151 10.55 7.10 -0.05
N LEU B 152 9.84 7.41 -1.12
CA LEU B 152 8.72 8.33 -1.02
C LEU B 152 7.68 7.95 0.07
N MET B 153 7.30 6.68 0.16
CA MET B 153 6.29 6.29 1.16
C MET B 153 6.74 6.56 2.59
N HIS B 154 7.88 5.97 2.95
CA HIS B 154 8.44 6.11 4.28
C HIS B 154 8.61 7.58 4.64
N THR B 155 9.13 8.37 3.73
CA THR B 155 9.36 9.76 4.05
C THR B 155 8.06 10.53 4.30
N SER B 156 7.08 10.30 3.47
CA SER B 156 5.79 10.94 3.62
C SER B 156 5.07 10.59 4.92
N ILE B 157 5.28 9.36 5.38
CA ILE B 157 4.67 8.87 6.63
C ILE B 157 5.26 9.64 7.78
N GLY B 158 6.60 9.70 7.81
CA GLY B 158 7.37 10.51 8.72
C GLY B 158 6.98 11.97 8.68
N GLN B 159 6.88 12.51 7.49
CA GLN B 159 6.41 13.87 7.36
C GLN B 159 5.00 14.07 7.91
N HIS B 160 4.17 13.02 7.88
CA HIS B 160 2.82 13.15 8.38
C HIS B 160 2.79 13.22 9.87
N LEU B 161 3.49 12.29 10.52
CA LEU B 161 3.63 12.33 11.95
C LEU B 161 4.25 13.63 12.46
N ASP B 162 5.11 14.23 11.68
CA ASP B 162 5.77 15.46 12.09
C ASP B 162 4.81 16.65 11.90
N VAL B 163 4.07 16.74 10.79
CA VAL B 163 3.24 17.95 10.55
C VAL B 163 1.90 17.91 11.22
N THR B 164 1.46 16.72 11.63
CA THR B 164 0.18 16.57 12.31
C THR B 164 0.21 17.25 13.70
N MET B 165 -0.34 18.47 13.70
CA MET B 165 -0.75 19.25 14.90
C MET B 165 -2.28 19.05 15.07
N ARG B 168 0.19 19.09 18.81
CA ARG B 168 -0.51 19.63 19.98
C ARG B 168 -2.01 20.06 19.68
N GLN B 169 -2.68 20.60 20.69
CA GLN B 169 -4.06 21.13 20.63
C GLN B 169 -4.21 22.19 21.73
N LYS B 170 -3.36 23.21 21.65
CA LYS B 170 -3.31 24.42 22.55
C LYS B 170 -1.95 24.46 23.27
N SER B 171 -1.94 24.05 24.53
CA SER B 171 -0.75 24.02 25.37
C SER B 171 -0.51 22.57 25.79
N ASP B 172 -1.04 21.62 25.02
CA ASP B 172 -0.96 20.22 25.37
C ASP B 172 0.20 19.58 24.63
N TYR B 173 1.30 19.38 25.33
CA TYR B 173 2.50 18.71 24.82
C TYR B 173 2.62 17.30 25.36
N SER B 174 1.49 16.63 25.52
CA SER B 174 1.52 15.28 26.05
C SER B 174 1.96 14.24 24.98
N LEU B 175 1.87 14.62 23.70
CA LEU B 175 2.42 13.83 22.59
C LEU B 175 3.94 13.98 22.35
N PHE B 176 4.61 14.93 22.98
CA PHE B 176 6.05 15.20 22.78
C PHE B 176 6.81 14.21 23.63
N THR B 177 6.79 12.97 23.19
CA THR B 177 7.50 11.92 23.81
C THR B 177 8.54 11.37 22.90
N ILE B 178 9.48 10.68 23.52
CA ILE B 178 10.51 10.01 22.79
C ILE B 178 9.99 8.85 21.93
N GLU B 179 8.90 8.21 22.31
CA GLU B 179 8.34 7.13 21.49
C GLU B 179 7.92 7.76 20.15
N ARG B 180 7.28 8.92 20.22
CA ARG B 180 6.85 9.64 19.02
C ARG B 180 8.03 10.16 18.25
N TYR B 181 8.96 10.83 18.96
CA TYR B 181 10.20 11.27 18.30
C TYR B 181 10.85 10.13 17.51
N ASN B 182 10.92 8.94 18.08
CA ASN B 182 11.60 7.82 17.43
C ASN B 182 10.92 7.37 16.18
N ALA B 183 9.60 7.34 16.26
CA ALA B 183 8.80 7.00 15.11
C ALA B 183 8.98 8.07 14.04
N ILE B 184 8.84 9.35 14.40
CA ILE B 184 9.05 10.42 13.41
C ILE B 184 10.37 10.31 12.65
N VAL B 185 11.48 10.16 13.36
CA VAL B 185 12.81 10.22 12.72
C VAL B 185 13.16 8.94 11.99
N LYS B 186 12.75 7.79 12.47
CA LYS B 186 12.98 6.57 11.70
C LYS B 186 12.41 6.67 10.29
N TYR B 187 11.17 7.16 10.19
CA TYR B 187 10.46 7.32 8.89
C TYR B 187 10.82 8.59 8.15
N LYS B 188 10.79 9.75 8.77
CA LYS B 188 11.06 10.95 7.96
C LYS B 188 12.49 11.14 7.44
N THR B 189 13.49 10.60 8.09
CA THR B 189 14.92 10.83 7.70
C THR B 189 15.76 9.55 7.44
N ALA B 190 15.69 8.59 8.35
CA ALA B 190 16.57 7.45 8.33
C ALA B 190 16.43 6.57 7.13
N TYR B 191 15.24 6.43 6.61
CA TYR B 191 15.06 5.50 5.46
C TYR B 191 15.80 6.02 4.26
N TYR B 192 15.57 7.27 3.92
CA TYR B 192 16.10 7.79 2.64
C TYR B 192 17.44 8.42 2.72
N THR B 193 17.86 8.73 3.94
CA THR B 193 19.18 9.31 4.18
C THR B 193 20.22 8.22 4.20
N TYR B 194 20.03 7.13 4.95
CA TYR B 194 21.04 6.03 5.00
C TYR B 194 20.54 4.72 4.40
N GLN B 195 19.32 4.29 4.72
CA GLN B 195 18.87 2.95 4.31
C GLN B 195 18.80 2.86 2.78
N LEU B 196 18.25 3.89 2.12
CA LEU B 196 18.22 3.94 0.64
C LEU B 196 19.61 3.86 -0.07
N PRO B 197 20.51 4.89 0.06
CA PRO B 197 21.85 4.82 -0.54
C PRO B 197 22.62 3.51 -0.26
N VAL B 198 22.68 3.05 0.97
CA VAL B 198 23.33 1.80 1.22
C VAL B 198 22.75 0.63 0.46
N CYS B 199 21.40 0.56 0.41
CA CYS B 199 20.71 -0.49 -0.37
C CYS B 199 20.99 -0.38 -1.86
N LEU B 200 21.13 0.84 -2.37
CA LEU B 200 21.46 1.02 -3.79
C LEU B 200 22.83 0.42 -4.09
N GLY B 201 23.85 0.78 -3.29
CA GLY B 201 25.18 0.17 -3.37
C GLY B 201 25.14 -1.36 -3.26
N MET B 202 24.45 -1.89 -2.26
CA MET B 202 24.15 -3.35 -2.22
C MET B 202 23.55 -3.94 -3.49
N LEU B 203 22.52 -3.32 -4.08
CA LEU B 203 21.97 -3.82 -5.35
C LEU B 203 22.99 -3.84 -6.50
N LEU B 204 23.86 -2.84 -6.52
CA LEU B 204 24.80 -2.68 -7.58
C LEU B 204 25.95 -3.69 -7.40
N ALA B 205 26.06 -4.29 -6.22
CA ALA B 205 27.11 -5.23 -5.91
C ALA B 205 26.51 -6.59 -5.63
N ASN B 206 25.39 -6.89 -6.28
CA ASN B 206 24.73 -8.21 -6.15
C ASN B 206 24.68 -8.87 -4.76
N ILE B 207 24.58 -8.08 -3.70
CA ILE B 207 24.27 -8.62 -2.38
C ILE B 207 22.75 -8.66 -2.23
N SER B 208 22.20 -9.87 -2.06
CA SER B 208 20.74 -10.12 -2.00
C SER B 208 20.22 -11.02 -0.85
N ASP B 209 21.12 -11.61 -0.05
CA ASP B 209 20.71 -12.29 1.22
C ASP B 209 19.83 -11.34 2.06
N PRO B 210 18.58 -11.74 2.39
CA PRO B 210 17.75 -10.73 3.06
C PRO B 210 18.02 -10.60 4.57
N VAL B 211 18.79 -11.52 5.18
CA VAL B 211 19.35 -11.33 6.54
C VAL B 211 20.48 -10.26 6.54
N LEU B 212 21.19 -10.12 5.42
CA LEU B 212 22.15 -9.04 5.25
C LEU B 212 21.47 -7.70 5.04
N HIS B 213 20.52 -7.65 4.10
CA HIS B 213 19.64 -6.47 3.94
C HIS B 213 18.97 -6.02 5.23
N GLN B 214 18.63 -6.96 6.09
CA GLN B 214 18.05 -6.65 7.38
C GLN B 214 19.10 -6.05 8.31
N LYS B 215 20.31 -6.61 8.32
CA LYS B 215 21.30 -6.20 9.31
C LYS B 215 21.77 -4.79 8.97
N ALA B 216 21.97 -4.53 7.67
CA ALA B 216 22.26 -3.22 7.11
C ALA B 216 21.25 -2.22 7.59
N GLU B 217 20.00 -2.59 7.41
CA GLU B 217 18.86 -1.73 7.73
C GLU B 217 18.81 -1.39 9.23
N ASP B 218 19.00 -2.36 10.10
CA ASP B 218 19.00 -2.09 11.54
C ASP B 218 20.10 -1.06 11.95
N MET B 219 21.23 -1.06 11.25
CA MET B 219 22.36 -0.17 11.52
C MET B 219 22.08 1.24 10.93
N CYS B 220 21.65 1.26 9.67
CA CYS B 220 21.15 2.46 8.99
C CYS B 220 20.07 3.28 9.73
N LEU B 221 19.13 2.64 10.39
CA LEU B 221 18.13 3.40 11.12
C LEU B 221 18.67 4.03 12.41
N GLU B 222 19.69 3.41 12.98
CA GLU B 222 20.31 3.98 14.15
C GLU B 222 21.15 5.23 13.77
N ILE B 223 21.82 5.16 12.63
CA ILE B 223 22.64 6.24 12.18
C ILE B 223 21.76 7.46 11.79
N GLY B 224 20.66 7.19 11.13
CA GLY B 224 19.66 8.21 10.78
C GLY B 224 19.02 8.89 11.98
N LYS B 225 18.67 8.11 13.00
CA LYS B 225 18.20 8.71 14.25
C LYS B 225 19.18 9.79 14.74
N PHE B 226 20.47 9.44 14.69
CA PHE B 226 21.58 10.25 15.19
C PHE B 226 21.73 11.53 14.36
N PHE B 227 21.80 11.32 13.06
CA PHE B 227 21.93 12.38 12.13
C PHE B 227 20.85 13.44 12.34
N GLN B 228 19.61 13.02 12.56
CA GLN B 228 18.49 13.93 12.71
C GLN B 228 18.53 14.63 14.07
N ILE B 229 18.98 13.94 15.10
CA ILE B 229 19.20 14.64 16.35
C ILE B 229 20.16 15.84 16.20
N GLN B 230 21.21 15.68 15.41
CA GLN B 230 22.16 16.73 15.14
C GLN B 230 21.45 17.86 14.36
N ASP B 231 20.77 17.52 13.29
CA ASP B 231 19.87 18.44 12.64
C ASP B 231 19.07 19.27 13.64
N ASP B 232 18.49 18.67 14.66
CA ASP B 232 17.62 19.44 15.55
C ASP B 232 18.42 20.43 16.37
N TYR B 233 19.60 20.01 16.76
CA TYR B 233 20.46 20.84 17.52
C TYR B 233 20.87 22.08 16.68
N ILE B 234 21.20 21.82 15.43
CA ILE B 234 21.58 22.86 14.47
C ILE B 234 20.47 23.92 14.24
N ASP B 235 19.21 23.51 14.20
CA ASP B 235 18.08 24.42 14.02
C ASP B 235 18.13 25.52 15.05
N CYS B 236 18.49 25.14 16.27
CA CYS B 236 18.61 26.10 17.32
C CYS B 236 19.99 26.73 17.30
N TYR B 237 21.05 25.95 17.44
CA TYR B 237 22.38 26.48 17.76
C TYR B 237 23.35 26.60 16.62
N GLY B 238 22.99 26.28 15.39
CA GLY B 238 23.96 26.34 14.31
C GLY B 238 24.11 27.77 13.85
N ASP B 239 25.21 28.06 13.16
CA ASP B 239 25.46 29.34 12.52
C ASP B 239 24.81 29.32 11.14
N GLU B 240 23.88 30.25 10.88
CA GLU B 240 23.15 30.27 9.59
C GLU B 240 24.07 30.39 8.39
N SER B 241 25.24 30.99 8.56
CA SER B 241 26.24 31.01 7.49
C SER B 241 27.06 29.73 7.32
N LEU B 242 27.26 28.94 8.38
CA LEU B 242 27.80 27.59 8.18
C LEU B 242 26.70 26.75 7.56
N THR B 243 25.50 26.84 8.14
CA THR B 243 24.44 25.86 7.88
C THR B 243 23.65 26.08 6.60
N GLY B 244 23.50 27.35 6.21
CA GLY B 244 22.73 27.74 5.02
C GLY B 244 21.25 27.96 5.19
N LYS B 245 20.69 27.71 6.39
CA LYS B 245 19.22 27.73 6.57
C LYS B 245 18.90 28.46 7.87
N MET B 246 17.69 29.03 7.96
CA MET B 246 17.20 29.60 9.23
C MET B 246 16.43 28.57 10.03
N GLY B 247 16.63 28.58 11.34
CA GLY B 247 15.88 27.73 12.25
C GLY B 247 14.44 28.15 12.46
N THR B 248 13.52 27.18 12.37
CA THR B 248 12.09 27.35 12.58
C THR B 248 11.40 26.39 13.54
N ASP B 249 12.13 25.50 14.19
CA ASP B 249 11.48 24.44 14.96
C ASP B 249 10.64 25.07 16.06
N ILE B 250 11.23 26.03 16.79
CA ILE B 250 10.56 26.72 17.90
C ILE B 250 9.26 27.42 17.46
N GLN B 251 9.37 28.27 16.46
CA GLN B 251 8.21 28.99 15.90
C GLN B 251 7.11 28.06 15.42
N GLU B 252 7.50 26.96 14.78
CA GLU B 252 6.52 25.99 14.24
C GLU B 252 6.10 24.93 15.27
N ALA B 253 6.60 25.05 16.50
CA ALA B 253 6.21 24.18 17.59
C ALA B 253 6.52 22.72 17.28
N LYS B 254 7.66 22.49 16.66
CA LYS B 254 8.07 21.15 16.27
C LYS B 254 8.41 20.27 17.44
N CYS B 255 8.07 18.99 17.29
CA CYS B 255 8.58 17.90 18.15
C CYS B 255 10.00 17.57 17.75
N SER B 256 10.93 18.42 18.19
CA SER B 256 12.34 18.31 17.94
C SER B 256 13.02 17.65 19.16
N TRP B 257 14.21 17.13 19.00
CA TRP B 257 14.90 16.55 20.15
C TRP B 257 15.05 17.54 21.34
N LEU B 258 15.36 18.80 21.05
CA LEU B 258 15.45 19.80 22.06
C LEU B 258 14.16 20.02 22.90
N ALA B 259 12.99 20.06 22.30
CA ALA B 259 11.75 20.16 23.10
C ALA B 259 11.50 18.93 23.89
N VAL B 260 11.72 17.76 23.27
CA VAL B 260 11.49 16.53 24.02
C VAL B 260 12.33 16.57 25.30
N MET B 261 13.65 16.83 25.17
CA MET B 261 14.60 16.93 26.29
C MET B 261 14.30 18.04 27.26
N ALA B 262 13.87 19.19 26.76
CA ALA B 262 13.45 20.30 27.65
C ALA B 262 12.28 19.88 28.53
N LEU B 263 11.30 19.19 27.98
CA LEU B 263 10.19 18.67 28.78
C LEU B 263 10.60 17.58 29.80
N GLN B 264 11.66 16.80 29.55
CA GLN B 264 12.23 15.91 30.62
C GLN B 264 12.79 16.74 31.79
N ARG B 265 13.30 17.94 31.51
CA ARG B 265 13.99 18.76 32.51
C ARG B 265 13.21 19.87 33.14
N CYS B 266 12.12 20.32 32.52
CA CYS B 266 11.41 21.47 33.03
C CYS B 266 11.00 21.19 34.44
N SER B 267 11.10 22.20 35.30
CA SER B 267 10.29 22.22 36.51
C SER B 267 8.81 22.58 36.15
N ALA B 268 7.97 22.61 37.17
CA ALA B 268 6.55 22.95 37.03
C ALA B 268 6.32 24.41 36.58
N SER B 269 7.11 25.37 37.08
CA SER B 269 7.03 26.74 36.57
C SER B 269 7.65 26.88 35.15
N GLN B 270 8.77 26.21 34.89
CA GLN B 270 9.39 26.21 33.55
C GLN B 270 8.50 25.55 32.46
N LYS B 271 7.76 24.51 32.81
CA LYS B 271 6.79 23.97 31.88
C LYS B 271 5.75 25.04 31.51
N ILE B 272 5.46 25.98 32.39
CA ILE B 272 4.51 27.07 32.10
C ILE B 272 5.11 28.13 31.17
N VAL B 273 6.38 28.46 31.39
CA VAL B 273 7.11 29.33 30.43
C VAL B 273 7.16 28.73 29.00
N PHE B 274 7.46 27.44 28.96
CA PHE B 274 7.62 26.75 27.71
C PHE B 274 6.28 26.69 26.96
N THR B 275 5.18 26.35 27.64
CA THR B 275 3.85 26.29 27.01
C THR B 275 3.28 27.62 26.55
N THR B 276 3.51 28.69 27.30
CA THR B 276 3.14 30.05 26.89
C THR B 276 3.86 30.40 25.57
N CYS B 277 5.19 30.21 25.51
CA CYS B 277 6.08 30.78 24.43
C CYS B 277 6.49 29.93 23.25
N TYR B 278 6.26 28.63 23.31
CA TYR B 278 6.73 27.71 22.25
C TYR B 278 5.68 27.82 21.19
N GLY B 279 6.12 27.91 19.95
CA GLY B 279 5.20 27.96 18.83
C GLY B 279 4.72 29.35 18.49
N SER B 280 5.52 30.36 18.75
CA SER B 280 5.11 31.69 18.37
C SER B 280 6.16 32.33 17.54
N LYS B 281 5.72 33.14 16.57
CA LYS B 281 6.64 33.91 15.72
C LYS B 281 7.22 35.19 16.39
N GLU B 282 6.71 35.58 17.57
CA GLU B 282 7.19 36.77 18.32
C GLU B 282 8.67 36.62 18.72
N PRO B 283 9.55 37.54 18.27
CA PRO B 283 11.00 37.39 18.60
C PRO B 283 11.37 37.25 20.09
N ALA B 284 10.62 37.89 21.00
CA ALA B 284 10.87 37.77 22.48
C ALA B 284 10.40 36.42 23.08
N HIS B 285 9.27 35.89 22.60
CA HIS B 285 8.87 34.52 22.90
C HIS B 285 9.92 33.46 22.41
N ILE B 286 10.46 33.65 21.21
CA ILE B 286 11.49 32.71 20.73
C ILE B 286 12.73 32.79 21.61
N GLU B 287 13.06 34.00 22.07
CA GLU B 287 14.23 34.20 22.94
C GLU B 287 14.02 33.59 24.31
N ARG B 288 12.79 33.69 24.85
CA ARG B 288 12.50 33.12 26.16
C ARG B 288 12.71 31.58 26.17
N ILE B 289 12.23 30.90 25.13
CA ILE B 289 12.51 29.48 24.90
C ILE B 289 14.03 29.13 24.74
N LYS B 290 14.78 29.97 24.07
CA LYS B 290 16.25 29.72 24.02
C LYS B 290 16.90 30.02 25.37
N GLU B 291 16.35 30.99 26.08
CA GLU B 291 16.85 31.29 27.42
C GLU B 291 16.64 30.07 28.32
N LEU B 292 15.46 29.48 28.20
CA LEU B 292 15.12 28.28 28.93
C LEU B 292 16.02 27.13 28.49
N TYR B 293 16.16 26.89 27.18
CA TYR B 293 17.04 25.83 26.72
C TYR B 293 18.46 25.96 27.35
N LYS B 294 18.93 27.20 27.54
CA LYS B 294 20.18 27.42 28.25
C LYS B 294 20.12 27.08 29.77
N GLN B 295 19.09 27.55 30.50
CA GLN B 295 18.84 27.20 31.92
CA GLN B 295 18.96 27.19 31.92
C GLN B 295 18.88 25.67 32.18
N LEU B 296 18.24 24.91 31.29
CA LEU B 296 18.11 23.47 31.44
C LEU B 296 19.33 22.75 30.99
N GLN B 297 20.26 23.49 30.40
CA GLN B 297 21.61 23.02 30.09
C GLN B 297 21.69 22.00 28.95
N LEU B 298 20.91 22.26 27.91
CA LEU B 298 20.73 21.32 26.81
C LEU B 298 21.96 21.18 25.96
N PRO B 299 22.69 22.30 25.72
CA PRO B 299 23.99 22.20 25.00
C PRO B 299 24.95 21.20 25.63
N GLU B 300 25.01 21.22 26.94
CA GLU B 300 25.80 20.25 27.65
C GLU B 300 25.20 18.87 27.43
N LEU B 301 23.88 18.75 27.55
CA LEU B 301 23.25 17.45 27.37
C LEU B 301 23.66 16.84 26.00
N TYR B 302 23.60 17.70 24.99
CA TYR B 302 23.81 17.31 23.61
C TYR B 302 25.17 16.66 23.46
N ALA B 303 26.17 17.40 23.91
CA ALA B 303 27.52 17.00 23.76
C ALA B 303 27.70 15.57 24.31
N GLN B 304 27.20 15.29 25.51
CA GLN B 304 27.32 13.95 26.09
C GLN B 304 26.63 12.91 25.23
N GLU B 305 25.41 13.26 24.83
CA GLU B 305 24.53 12.36 24.13
C GLU B 305 25.03 12.06 22.75
N GLU B 306 25.50 13.08 22.07
CA GLU B 306 26.12 12.85 20.81
C GLU B 306 27.21 11.79 20.96
N THR B 307 28.01 11.88 22.00
CA THR B 307 29.12 10.93 22.18
C THR B 307 28.68 9.51 22.63
N ARG B 308 27.77 9.44 23.58
CA ARG B 308 27.22 8.18 23.98
C ARG B 308 26.63 7.45 22.77
N MET B 309 25.86 8.16 21.95
CA MET B 309 25.21 7.53 20.84
C MET B 309 26.25 7.11 19.83
N TYR B 310 27.23 7.99 19.61
CA TYR B 310 28.37 7.69 18.76
C TYR B 310 29.05 6.38 19.20
N GLU B 311 29.33 6.22 20.48
CA GLU B 311 29.98 4.97 20.96
C GLU B 311 29.11 3.80 20.58
N SER B 312 27.83 3.91 20.92
CA SER B 312 26.85 2.85 20.64
C SER B 312 26.81 2.40 19.17
N LEU B 313 26.79 3.37 18.25
CA LEU B 313 26.82 3.06 16.82
C LEU B 313 28.07 2.34 16.46
N ILE B 314 29.20 2.72 17.04
CA ILE B 314 30.46 2.10 16.70
C ILE B 314 30.50 0.67 17.20
N LYS B 315 30.01 0.44 18.43
CA LYS B 315 29.85 -0.93 18.89
C LYS B 315 29.10 -1.74 17.83
N GLN B 316 27.95 -1.26 17.36
CA GLN B 316 27.18 -1.99 16.34
C GLN B 316 27.87 -2.18 15.00
N ALA B 317 28.54 -1.15 14.52
CA ALA B 317 29.23 -1.27 13.25
C ALA B 317 30.27 -2.40 13.32
N HIS B 318 31.02 -2.49 14.43
CA HIS B 318 31.95 -3.60 14.62
C HIS B 318 31.32 -4.96 14.81
N GLY B 319 30.05 -4.98 15.20
CA GLY B 319 29.28 -6.24 15.34
C GLY B 319 28.72 -6.83 14.05
N LEU B 320 28.90 -6.13 12.93
CA LEU B 320 28.36 -6.55 11.67
C LEU B 320 29.24 -7.63 11.02
N PRO B 321 28.65 -8.47 10.17
CA PRO B 321 29.42 -9.46 9.40
C PRO B 321 30.26 -8.86 8.30
N SER B 322 31.45 -9.40 8.12
CA SER B 322 32.43 -8.99 7.07
C SER B 322 31.91 -8.54 5.66
N GLU B 323 30.89 -9.20 5.16
CA GLU B 323 30.33 -8.94 3.82
C GLU B 323 29.63 -7.56 3.78
N LEU B 324 29.10 -7.10 4.93
CA LEU B 324 28.60 -5.72 5.13
C LEU B 324 29.61 -4.57 5.39
N SER B 325 30.89 -4.89 5.57
CA SER B 325 31.96 -3.92 5.78
C SER B 325 31.77 -2.95 6.96
N PRO B 326 32.08 -3.39 8.17
CA PRO B 326 32.12 -2.45 9.31
C PRO B 326 32.88 -1.15 9.00
N ALA B 327 33.96 -1.28 8.25
CA ALA B 327 34.68 -0.12 7.83
C ALA B 327 33.76 0.90 7.20
N LEU B 328 32.87 0.43 6.32
CA LEU B 328 31.98 1.36 5.63
C LEU B 328 31.15 2.17 6.61
N PHE B 329 30.58 1.49 7.59
CA PHE B 329 29.71 2.12 8.54
C PHE B 329 30.43 3.02 9.49
N VAL B 330 31.66 2.63 9.78
CA VAL B 330 32.56 3.34 10.68
C VAL B 330 32.92 4.67 10.01
N ARG B 331 33.21 4.56 8.73
CA ARG B 331 33.48 5.68 7.90
C ARG B 331 32.32 6.63 7.94
N LEU B 332 31.13 6.14 7.57
CA LEU B 332 29.87 6.96 7.58
C LEU B 332 29.63 7.65 8.90
N ILE B 333 29.88 6.96 10.00
CA ILE B 333 29.67 7.62 11.28
C ILE B 333 30.62 8.77 11.47
N HIS B 334 31.89 8.59 11.10
CA HIS B 334 32.94 9.59 11.32
C HIS B 334 32.78 10.83 10.48
N MET B 335 32.23 10.66 9.29
CA MET B 335 31.69 11.74 8.45
C MET B 335 30.60 12.63 9.05
N ILE B 336 29.86 12.22 10.07
CA ILE B 336 28.87 13.12 10.65
C ILE B 336 29.12 13.39 12.12
N TYR B 337 30.04 12.66 12.72
CA TYR B 337 30.27 12.87 14.13
C TYR B 337 30.88 14.27 14.29
N LYS B 338 30.35 15.01 15.23
CA LYS B 338 30.74 16.40 15.53
C LYS B 338 30.48 17.46 14.44
N ARG B 339 29.71 17.12 13.42
CA ARG B 339 29.36 18.04 12.37
C ARG B 339 28.65 19.27 12.98
N ASN B 340 28.86 20.43 12.36
CA ASN B 340 28.28 21.72 12.79
C ASN B 340 27.44 22.42 11.69
N HIS B 341 27.31 21.73 10.56
CA HIS B 341 26.32 22.02 9.56
C HIS B 341 25.97 20.67 8.80
N GLU C 4 -25.68 -37.70 0.46
CA GLU C 4 -24.42 -36.89 0.33
C GLU C 4 -23.63 -37.36 -0.93
N SER C 5 -23.61 -36.52 -1.98
CA SER C 5 -23.00 -36.85 -3.29
C SER C 5 -21.49 -36.63 -3.32
N PHE C 6 -21.02 -35.99 -2.26
CA PHE C 6 -19.63 -35.93 -1.93
C PHE C 6 -19.18 -37.34 -1.63
N GLU C 7 -19.94 -38.06 -0.79
CA GLU C 7 -19.61 -39.43 -0.37
C GLU C 7 -19.44 -40.40 -1.54
N ASP C 8 -20.31 -40.30 -2.55
CA ASP C 8 -20.25 -41.20 -3.74
C ASP C 8 -18.86 -41.31 -4.39
N VAL C 9 -18.11 -40.22 -4.30
CA VAL C 9 -16.81 -40.06 -4.93
C VAL C 9 -15.65 -40.81 -4.21
N LEU C 10 -15.83 -41.09 -2.92
CA LEU C 10 -14.80 -41.79 -2.13
C LEU C 10 -14.22 -43.09 -2.76
N PRO C 11 -15.07 -43.98 -3.30
CA PRO C 11 -14.52 -45.12 -4.00
C PRO C 11 -13.52 -44.79 -5.09
N SER C 12 -13.80 -43.82 -5.99
CA SER C 12 -12.77 -43.39 -6.98
C SER C 12 -11.48 -42.89 -6.32
N ILE C 13 -11.60 -42.26 -5.14
CA ILE C 13 -10.44 -41.71 -4.44
C ILE C 13 -9.60 -42.89 -3.97
N LEU C 14 -10.22 -43.80 -3.22
CA LEU C 14 -9.57 -45.04 -2.72
C LEU C 14 -8.91 -45.86 -3.79
N ASN C 15 -9.60 -46.00 -4.91
CA ASN C 15 -9.04 -46.65 -6.06
C ASN C 15 -7.88 -45.87 -6.78
N THR C 16 -7.85 -44.54 -6.71
CA THR C 16 -6.74 -43.78 -7.31
C THR C 16 -5.48 -43.92 -6.46
N ILE C 17 -5.65 -43.79 -5.15
CA ILE C 17 -4.62 -44.01 -4.15
C ILE C 17 -3.87 -45.35 -4.40
N THR C 18 -4.61 -46.45 -4.35
CA THR C 18 -4.10 -47.81 -4.66
C THR C 18 -3.39 -48.03 -6.05
N THR C 19 -4.12 -47.93 -7.16
CA THR C 19 -3.57 -48.14 -8.53
C THR C 19 -2.28 -47.36 -8.85
N ASN C 20 -2.16 -46.15 -8.27
CA ASN C 20 -1.12 -45.14 -8.61
C ASN C 20 0.14 -45.17 -7.74
N SER C 21 0.06 -45.92 -6.65
CA SER C 21 1.17 -46.02 -5.73
C SER C 21 1.78 -47.45 -5.85
N GLU C 22 2.61 -47.82 -4.86
CA GLU C 22 3.04 -49.20 -4.65
C GLU C 22 2.06 -50.07 -3.86
N LEU C 23 0.88 -49.57 -3.55
CA LEU C 23 -0.11 -50.38 -2.90
C LEU C 23 -0.68 -51.36 -3.90
N THR C 24 -0.50 -51.10 -5.20
CA THR C 24 -0.79 -52.13 -6.22
C THR C 24 -0.01 -53.43 -5.97
N GLU C 25 1.28 -53.31 -5.65
CA GLU C 25 2.13 -54.48 -5.41
C GLU C 25 1.92 -55.13 -4.04
N VAL C 26 1.02 -54.60 -3.21
CA VAL C 26 0.94 -55.00 -1.80
C VAL C 26 -0.51 -54.95 -1.29
N PRO C 27 -1.32 -55.96 -1.68
CA PRO C 27 -2.76 -56.02 -1.35
C PRO C 27 -3.11 -55.98 0.16
N GLU C 28 -2.33 -56.67 0.98
CA GLU C 28 -2.50 -56.65 2.43
C GLU C 28 -2.61 -55.20 2.93
N VAL C 29 -1.81 -54.32 2.33
CA VAL C 29 -1.68 -52.93 2.77
C VAL C 29 -2.68 -52.05 2.05
N ALA C 30 -2.93 -52.29 0.78
CA ALA C 30 -4.05 -51.67 0.14
C ALA C 30 -5.28 -51.86 1.02
N ASN C 31 -5.56 -53.10 1.37
CA ASN C 31 -6.82 -53.45 2.07
C ASN C 31 -6.96 -52.78 3.42
N TRP C 32 -5.85 -52.76 4.15
CA TRP C 32 -5.80 -52.17 5.48
C TRP C 32 -5.96 -50.65 5.40
N LEU C 33 -5.35 -49.99 4.41
CA LEU C 33 -5.62 -48.59 4.16
C LEU C 33 -7.09 -48.28 3.87
N LYS C 34 -7.75 -49.13 3.10
CA LYS C 34 -9.19 -48.94 2.91
C LYS C 34 -9.85 -48.97 4.30
N LYS C 35 -9.49 -49.92 5.15
CA LYS C 35 -10.13 -50.04 6.46
C LYS C 35 -9.96 -48.75 7.31
N VAL C 36 -8.77 -48.18 7.27
CA VAL C 36 -8.44 -46.99 7.99
C VAL C 36 -9.26 -45.79 7.50
N LEU C 37 -9.25 -45.58 6.18
CA LEU C 37 -9.96 -44.46 5.59
C LEU C 37 -11.40 -44.54 6.01
N GLU C 38 -12.02 -45.69 5.77
CA GLU C 38 -13.44 -45.90 6.08
C GLU C 38 -13.82 -45.63 7.54
N TYR C 39 -12.93 -45.95 8.45
CA TYR C 39 -13.22 -45.77 9.85
C TYR C 39 -13.08 -44.31 10.20
N ASN C 40 -12.07 -43.66 9.64
CA ASN C 40 -11.76 -42.28 10.02
C ASN C 40 -12.24 -41.22 9.04
N LEU C 41 -13.03 -41.59 8.06
CA LEU C 41 -13.61 -40.62 7.16
C LEU C 41 -15.12 -40.80 7.07
N ALA C 42 -15.59 -41.82 6.32
CA ALA C 42 -17.00 -41.90 5.84
C ALA C 42 -18.05 -41.86 6.97
N GLY C 43 -19.18 -41.17 6.73
CA GLY C 43 -20.17 -40.82 7.78
C GLY C 43 -19.71 -39.70 8.72
N GLY C 44 -20.33 -38.53 8.65
CA GLY C 44 -19.86 -37.37 9.45
C GLY C 44 -20.13 -36.09 8.70
N LYS C 45 -19.75 -34.94 9.27
CA LYS C 45 -20.06 -33.63 8.64
C LYS C 45 -18.84 -33.15 7.87
N LYS C 46 -18.79 -33.45 6.57
CA LYS C 46 -17.62 -33.15 5.75
C LYS C 46 -17.48 -31.65 5.43
N ALA C 47 -17.37 -30.88 6.52
CA ALA C 47 -17.39 -29.41 6.44
C ALA C 47 -16.24 -28.93 5.58
N ARG C 48 -15.00 -29.35 5.88
CA ARG C 48 -13.84 -28.97 5.03
C ARG C 48 -13.98 -29.37 3.59
N GLY C 49 -14.41 -30.61 3.38
CA GLY C 49 -14.39 -31.16 2.03
C GLY C 49 -15.39 -30.37 1.23
N LEU C 50 -16.55 -30.14 1.87
CA LEU C 50 -17.65 -29.34 1.27
C LEU C 50 -17.34 -27.85 1.03
N THR C 51 -16.72 -27.20 2.03
CA THR C 51 -16.13 -25.86 1.84
C THR C 51 -15.34 -25.78 0.51
N THR C 52 -14.56 -26.80 0.18
CA THR C 52 -13.78 -26.77 -1.06
C THR C 52 -14.65 -26.76 -2.26
N LEU C 53 -15.65 -27.62 -2.27
CA LEU C 53 -16.61 -27.63 -3.35
C LEU C 53 -17.36 -26.31 -3.45
N PHE C 54 -17.74 -25.68 -2.33
CA PHE C 54 -18.55 -24.42 -2.43
C PHE C 54 -17.71 -23.22 -2.93
N ALA C 55 -16.46 -23.14 -2.47
CA ALA C 55 -15.56 -22.11 -2.94
C ALA C 55 -15.38 -22.24 -4.43
N TYR C 56 -15.16 -23.45 -4.92
CA TYR C 56 -14.98 -23.53 -6.36
C TYR C 56 -16.26 -23.01 -7.04
N GLU C 57 -17.43 -23.52 -6.63
CA GLU C 57 -18.74 -23.14 -7.20
C GLU C 57 -19.04 -21.63 -7.15
N MET C 58 -18.81 -21.01 -5.99
CA MET C 58 -19.11 -19.60 -5.80
C MET C 58 -18.12 -18.66 -6.47
N LEU C 59 -16.90 -19.12 -6.71
CA LEU C 59 -15.83 -18.27 -7.25
C LEU C 59 -15.57 -18.48 -8.73
N GLU C 60 -16.03 -19.57 -9.35
CA GLU C 60 -15.74 -19.79 -10.79
C GLU C 60 -16.73 -18.93 -11.60
N LYS C 61 -16.42 -18.56 -12.85
CA LYS C 61 -17.47 -17.96 -13.65
C LYS C 61 -18.42 -19.09 -14.15
N PRO C 62 -19.74 -18.91 -13.99
CA PRO C 62 -20.71 -19.95 -14.30
C PRO C 62 -20.46 -20.79 -15.54
N GLU C 63 -20.02 -20.18 -16.65
CA GLU C 63 -19.85 -20.95 -17.89
C GLU C 63 -18.71 -21.97 -17.87
N ASN C 64 -17.77 -21.84 -16.95
CA ASN C 64 -16.74 -22.86 -16.76
C ASN C 64 -17.08 -24.00 -15.77
N ILE C 65 -18.26 -24.00 -15.15
CA ILE C 65 -18.69 -25.10 -14.26
C ILE C 65 -19.14 -26.26 -15.13
N THR C 66 -18.50 -27.42 -14.94
CA THR C 66 -18.73 -28.63 -15.77
C THR C 66 -18.75 -29.84 -14.90
N GLU C 67 -19.09 -31.01 -15.44
CA GLU C 67 -19.06 -32.23 -14.61
C GLU C 67 -17.63 -32.53 -14.27
N GLU C 68 -16.69 -32.32 -15.20
CA GLU C 68 -15.29 -32.63 -14.88
C GLU C 68 -14.81 -31.75 -13.74
N THR C 69 -15.02 -30.44 -13.82
CA THR C 69 -14.49 -29.55 -12.77
C THR C 69 -15.21 -29.68 -11.44
N ILE C 70 -16.47 -30.10 -11.45
CA ILE C 70 -17.13 -30.40 -10.18
C ILE C 70 -16.49 -31.61 -9.52
N TYR C 71 -16.17 -32.61 -10.34
CA TYR C 71 -15.49 -33.83 -9.89
C TYR C 71 -14.11 -33.51 -9.30
N LEU C 72 -13.33 -32.65 -9.97
CA LEU C 72 -12.04 -32.23 -9.43
C LEU C 72 -12.16 -31.45 -8.13
N ALA C 73 -13.19 -30.61 -7.96
CA ALA C 73 -13.36 -29.91 -6.68
C ALA C 73 -13.66 -30.88 -5.52
N LYS C 74 -14.45 -31.93 -5.79
CA LYS C 74 -14.70 -33.00 -4.81
C LYS C 74 -13.44 -33.82 -4.43
N THR C 75 -12.69 -34.29 -5.44
CA THR C 75 -11.39 -34.93 -5.22
C THR C 75 -10.45 -34.07 -4.31
N LEU C 76 -10.21 -32.82 -4.67
CA LEU C 76 -9.59 -31.87 -3.70
C LEU C 76 -10.29 -31.72 -2.33
N GLY C 77 -11.61 -31.70 -2.32
CA GLY C 77 -12.30 -31.68 -1.02
C GLY C 77 -11.93 -32.89 -0.18
N TRP C 78 -11.78 -34.07 -0.82
CA TRP C 78 -11.42 -35.32 -0.12
C TRP C 78 -9.98 -35.31 0.38
N CYS C 79 -9.07 -34.75 -0.40
CA CYS C 79 -7.74 -34.55 0.11
C CYS C 79 -7.75 -33.79 1.45
N VAL C 80 -8.65 -32.83 1.63
CA VAL C 80 -8.72 -32.08 2.91
C VAL C 80 -9.25 -32.94 4.02
N GLU C 81 -10.26 -33.75 3.73
CA GLU C 81 -10.78 -34.70 4.72
C GLU C 81 -9.72 -35.73 5.16
N ILE C 82 -8.89 -36.21 4.24
CA ILE C 82 -7.82 -37.13 4.56
C ILE C 82 -6.86 -36.47 5.50
N LEU C 83 -6.41 -35.27 5.14
CA LEU C 83 -5.56 -34.48 5.99
C LEU C 83 -6.21 -34.33 7.34
N GLN C 84 -7.53 -34.05 7.35
CA GLN C 84 -8.32 -33.89 8.58
C GLN C 84 -8.22 -35.15 9.40
N GLY C 85 -8.45 -36.29 8.74
CA GLY C 85 -8.42 -37.62 9.38
C GLY C 85 -7.08 -37.88 10.03
N PHE C 86 -6.01 -37.53 9.31
CA PHE C 86 -4.64 -37.72 9.73
C PHE C 86 -4.33 -36.89 10.96
N LEU C 87 -4.82 -35.65 11.05
CA LEU C 87 -4.50 -34.76 12.20
C LEU C 87 -5.21 -35.18 13.47
N VAL C 88 -6.49 -35.52 13.38
CA VAL C 88 -7.24 -35.96 14.58
C VAL C 88 -6.82 -37.33 15.15
N MET C 89 -6.36 -38.22 14.28
CA MET C 89 -5.74 -39.50 14.71
C MET C 89 -4.53 -39.29 15.61
N LEU C 90 -3.63 -38.39 15.21
CA LEU C 90 -2.51 -37.96 16.04
C LEU C 90 -2.91 -37.10 17.21
N ASP C 91 -3.85 -36.18 17.02
CA ASP C 91 -4.31 -35.31 18.10
C ASP C 91 -4.85 -36.13 19.28
N ASP C 92 -5.76 -37.04 18.96
CA ASP C 92 -6.32 -37.95 19.96
C ASP C 92 -5.25 -38.71 20.77
N ILE C 93 -4.28 -39.31 20.10
CA ILE C 93 -3.15 -39.85 20.83
C ILE C 93 -2.64 -38.80 21.82
N MET C 94 -2.32 -37.61 21.32
CA MET C 94 -1.69 -36.56 22.16
C MET C 94 -2.57 -36.05 23.30
N ASP C 95 -3.88 -35.95 23.04
CA ASP C 95 -4.87 -35.41 23.98
C ASP C 95 -5.53 -36.44 24.91
N GLY C 96 -5.20 -37.73 24.74
CA GLY C 96 -5.77 -38.79 25.58
C GLY C 96 -7.22 -39.08 25.28
N SER C 97 -7.70 -38.67 24.11
CA SER C 97 -9.13 -38.83 23.85
C SER C 97 -9.47 -40.31 23.74
N THR C 98 -10.66 -40.66 24.24
CA THR C 98 -11.18 -42.05 24.21
C THR C 98 -12.14 -42.26 23.06
N THR C 99 -12.98 -41.26 22.79
CA THR C 99 -14.01 -41.34 21.76
C THR C 99 -13.84 -40.21 20.73
N ARG C 100 -14.23 -40.49 19.49
CA ARG C 100 -14.33 -39.50 18.42
C ARG C 100 -15.38 -39.92 17.41
N ARG C 101 -16.30 -39.00 17.10
CA ARG C 101 -17.40 -39.27 16.19
C ARG C 101 -18.29 -40.41 16.74
N GLY C 102 -18.31 -40.54 18.08
CA GLY C 102 -19.16 -41.53 18.79
C GLY C 102 -18.60 -42.94 19.02
N VAL C 103 -17.87 -43.45 18.03
CA VAL C 103 -17.16 -44.73 18.13
C VAL C 103 -15.83 -44.44 18.83
N PRO C 104 -15.14 -45.49 19.32
CA PRO C 104 -13.84 -45.17 19.96
C PRO C 104 -12.72 -44.73 18.96
N CYS C 105 -11.76 -43.98 19.48
CA CYS C 105 -10.58 -43.58 18.72
C CYS C 105 -9.82 -44.79 18.14
N TRP C 106 -9.28 -44.60 16.94
CA TRP C 106 -8.49 -45.61 16.23
C TRP C 106 -7.45 -46.24 17.13
N TYR C 107 -6.65 -45.38 17.78
CA TYR C 107 -5.51 -45.83 18.58
C TYR C 107 -5.94 -46.57 19.87
N GLN C 108 -7.23 -46.45 20.26
CA GLN C 108 -7.81 -47.14 21.44
C GLN C 108 -8.10 -48.61 21.15
N LEU C 109 -8.58 -48.86 19.94
CA LEU C 109 -8.78 -50.22 19.47
C LEU C 109 -7.57 -51.08 19.86
N PRO C 110 -7.81 -52.30 20.40
CA PRO C 110 -6.69 -53.21 20.75
C PRO C 110 -5.98 -53.80 19.49
N GLU C 111 -6.71 -54.13 18.42
CA GLU C 111 -6.06 -54.44 17.11
C GLU C 111 -4.94 -53.43 16.78
N VAL C 112 -5.19 -52.14 17.01
CA VAL C 112 -4.41 -51.02 16.46
C VAL C 112 -3.32 -50.46 17.38
N GLY C 113 -3.69 -49.87 18.51
CA GLY C 113 -2.73 -49.36 19.49
C GLY C 113 -1.97 -48.14 19.01
N LEU C 114 -0.74 -47.98 19.48
CA LEU C 114 0.20 -47.00 18.95
C LEU C 114 0.78 -47.29 17.55
N ALA C 115 0.50 -48.46 16.96
CA ALA C 115 0.68 -48.61 15.50
C ALA C 115 -0.13 -47.57 14.69
N ALA C 116 -1.00 -46.79 15.35
CA ALA C 116 -1.76 -45.69 14.70
C ALA C 116 -0.87 -44.57 14.19
N VAL C 117 0.30 -44.39 14.80
CA VAL C 117 1.23 -43.39 14.27
C VAL C 117 1.83 -43.77 12.91
N ASN C 118 1.81 -45.06 12.53
CA ASN C 118 2.21 -45.42 11.14
C ASN C 118 1.08 -45.24 10.10
N ASP C 119 -0.16 -45.50 10.51
CA ASP C 119 -1.35 -45.18 9.68
C ASP C 119 -1.55 -43.69 9.36
N SER C 120 -1.20 -42.81 10.29
CA SER C 120 -1.30 -41.40 10.00
C SER C 120 -0.44 -41.16 8.77
N SER C 121 0.84 -41.56 8.79
CA SER C 121 1.78 -41.44 7.62
C SER C 121 1.30 -42.09 6.30
N LEU C 122 0.65 -43.23 6.37
CA LEU C 122 -0.07 -43.74 5.20
C LEU C 122 -1.03 -42.72 4.64
N MET C 123 -1.88 -42.14 5.50
CA MET C 123 -2.96 -41.22 5.08
C MET C 123 -2.38 -39.93 4.51
N PHE C 124 -1.45 -39.32 5.21
CA PHE C 124 -0.89 -38.14 4.70
C PHE C 124 -0.27 -38.42 3.35
N SER C 125 0.49 -39.50 3.16
CA SER C 125 1.22 -39.67 1.88
C SER C 125 0.32 -39.97 0.72
N SER C 126 -0.87 -40.52 0.97
CA SER C 126 -1.88 -40.79 -0.09
C SER C 126 -2.37 -39.55 -0.83
N ILE C 127 -2.55 -38.45 -0.09
CA ILE C 127 -2.96 -37.17 -0.63
C ILE C 127 -2.22 -36.87 -1.93
N PHE C 128 -0.93 -37.10 -1.89
CA PHE C 128 -0.04 -36.75 -2.99
C PHE C 128 -0.21 -37.58 -4.24
N TYR C 129 -0.69 -38.81 -4.12
CA TYR C 129 -1.04 -39.62 -5.29
C TYR C 129 -2.31 -39.15 -5.95
N VAL C 130 -3.32 -38.81 -5.14
CA VAL C 130 -4.54 -38.18 -5.62
C VAL C 130 -4.08 -36.93 -6.39
N LEU C 131 -3.32 -36.03 -5.75
CA LEU C 131 -2.97 -34.83 -6.46
C LEU C 131 -2.27 -35.11 -7.78
N HIS C 132 -1.36 -36.07 -7.78
CA HIS C 132 -0.61 -36.35 -8.96
C HIS C 132 -1.53 -36.97 -10.01
N ALA C 133 -2.39 -37.91 -9.64
CA ALA C 133 -3.27 -38.56 -10.63
C ALA C 133 -4.07 -37.56 -11.49
N HIS C 134 -4.62 -36.54 -10.86
CA HIS C 134 -5.57 -35.62 -11.50
C HIS C 134 -4.96 -34.29 -11.92
N PHE C 135 -3.81 -33.90 -11.38
CA PHE C 135 -3.30 -32.54 -11.61
C PHE C 135 -1.91 -32.43 -12.22
N ALA C 136 -1.26 -33.56 -12.49
CA ALA C 136 0.15 -33.61 -12.89
C ALA C 136 0.48 -32.74 -14.08
N ASP C 137 -0.42 -32.74 -15.06
CA ASP C 137 -0.11 -32.06 -16.31
C ASP C 137 -0.75 -30.66 -16.41
N LYS C 138 -0.96 -29.96 -15.28
CA LYS C 138 -1.60 -28.64 -15.26
C LYS C 138 -0.75 -27.60 -14.53
N LYS C 139 -1.00 -26.33 -14.82
CA LYS C 139 -0.25 -25.20 -14.18
C LYS C 139 -0.31 -25.26 -12.66
N ILE C 140 -1.48 -25.58 -12.09
CA ILE C 140 -1.66 -25.49 -10.64
C ILE C 140 -0.94 -26.59 -9.84
N TYR C 141 -0.46 -27.64 -10.50
CA TYR C 141 0.19 -28.77 -9.80
C TYR C 141 1.18 -28.44 -8.66
N THR C 142 2.17 -27.59 -8.89
CA THR C 142 3.11 -27.38 -7.81
C THR C 142 2.49 -26.53 -6.69
N ASN C 143 1.65 -25.54 -7.04
CA ASN C 143 0.83 -24.81 -6.00
C ASN C 143 0.02 -25.71 -5.07
N LEU C 144 -0.59 -26.77 -5.62
CA LEU C 144 -1.37 -27.73 -4.83
C LEU C 144 -0.50 -28.53 -3.92
N VAL C 145 0.51 -29.21 -4.45
CA VAL C 145 1.49 -29.97 -3.65
C VAL C 145 2.06 -29.13 -2.47
N GLU C 146 2.48 -27.91 -2.78
CA GLU C 146 3.01 -26.98 -1.78
C GLU C 146 1.96 -26.58 -0.70
N LEU C 147 0.75 -26.26 -1.13
CA LEU C 147 -0.33 -25.95 -0.21
C LEU C 147 -0.51 -26.99 0.87
N PHE C 148 -0.50 -28.24 0.47
CA PHE C 148 -0.57 -29.36 1.45
C PHE C 148 0.67 -29.55 2.35
N ASN C 149 1.91 -29.55 1.85
CA ASN C 149 3.07 -29.56 2.77
C ASN C 149 3.01 -28.36 3.75
N GLU C 150 2.76 -27.17 3.27
CA GLU C 150 2.64 -25.99 4.15
C GLU C 150 1.62 -26.17 5.31
N SER C 151 0.48 -26.80 5.04
CA SER C 151 -0.61 -26.96 6.01
C SER C 151 -0.21 -27.85 7.17
N LEU C 152 0.56 -28.88 6.88
CA LEU C 152 1.19 -29.68 7.92
C LEU C 152 2.10 -28.82 8.78
N MET C 153 2.96 -28.01 8.16
CA MET C 153 3.88 -27.18 8.95
C MET C 153 3.07 -26.25 9.83
N HIS C 154 2.07 -25.56 9.25
CA HIS C 154 1.24 -24.62 10.04
C HIS C 154 0.52 -25.29 11.18
N THR C 155 -0.17 -26.40 10.89
CA THR C 155 -0.86 -27.12 11.94
C THR C 155 0.10 -27.56 13.04
N SER C 156 1.28 -28.04 12.68
CA SER C 156 2.19 -28.64 13.65
C SER C 156 2.82 -27.65 14.61
N ILE C 157 3.04 -26.40 14.16
CA ILE C 157 3.36 -25.20 14.97
C ILE C 157 2.20 -24.89 15.93
N GLY C 158 0.99 -24.98 15.43
CA GLY C 158 -0.18 -24.87 16.27
C GLY C 158 -0.22 -25.88 17.40
N GLN C 159 -0.26 -27.17 17.07
CA GLN C 159 -0.28 -28.27 18.07
C GLN C 159 0.84 -28.24 19.07
N HIS C 160 2.00 -27.74 18.69
CA HIS C 160 3.08 -27.65 19.64
C HIS C 160 2.85 -26.55 20.69
N LEU C 161 2.43 -25.35 20.27
CA LEU C 161 2.05 -24.28 21.23
C LEU C 161 1.00 -24.76 22.25
N ASP C 162 0.04 -25.54 21.76
CA ASP C 162 -0.96 -26.23 22.58
C ASP C 162 -0.39 -27.31 23.54
N VAL C 163 0.24 -28.36 23.00
CA VAL C 163 0.66 -29.55 23.80
C VAL C 163 1.95 -29.40 24.59
N THR C 164 2.70 -28.32 24.37
CA THR C 164 3.96 -28.12 25.06
C THR C 164 3.71 -28.01 26.56
N MET C 165 4.56 -28.72 27.30
CA MET C 165 4.48 -28.84 28.74
C MET C 165 5.37 -27.77 29.44
N GLU C 166 5.46 -26.58 28.81
CA GLU C 166 5.88 -25.34 29.45
C GLU C 166 4.74 -24.27 29.34
N SER C 171 4.55 -25.78 37.83
CA SER C 171 3.65 -25.49 36.73
C SER C 171 2.93 -24.13 36.90
N ASP C 172 3.53 -23.08 36.31
CA ASP C 172 2.95 -21.72 36.32
C ASP C 172 2.05 -21.51 35.09
N TYR C 173 0.89 -20.86 35.30
CA TYR C 173 -0.09 -20.68 34.24
C TYR C 173 -0.08 -19.24 33.64
N SER C 174 1.08 -18.59 33.67
CA SER C 174 1.16 -17.15 33.34
C SER C 174 1.12 -16.91 31.85
N LEU C 175 1.51 -17.92 31.07
CA LEU C 175 1.50 -17.86 29.60
C LEU C 175 0.11 -18.03 28.97
N PHE C 176 -0.93 -18.38 29.75
CA PHE C 176 -2.30 -18.58 29.22
C PHE C 176 -3.06 -17.29 28.81
N THR C 177 -2.36 -16.34 28.20
CA THR C 177 -2.96 -15.08 27.74
C THR C 177 -3.74 -15.24 26.42
N ILE C 178 -4.50 -14.21 26.09
CA ILE C 178 -5.27 -14.15 24.82
C ILE C 178 -4.38 -13.98 23.54
N GLU C 179 -3.16 -13.47 23.72
CA GLU C 179 -2.22 -13.30 22.63
C GLU C 179 -1.69 -14.69 22.23
N ARG C 180 -1.19 -15.45 23.22
CA ARG C 180 -0.89 -16.87 23.03
C ARG C 180 -2.06 -17.69 22.50
N TYR C 181 -3.26 -17.48 23.05
CA TYR C 181 -4.42 -18.22 22.54
C TYR C 181 -4.63 -17.98 21.04
N ASN C 182 -4.35 -16.76 20.57
CA ASN C 182 -4.55 -16.35 19.17
C ASN C 182 -3.59 -17.01 18.19
N ALA C 183 -2.31 -17.00 18.56
CA ALA C 183 -1.26 -17.76 17.88
C ALA C 183 -1.68 -19.25 17.76
N ILE C 184 -1.98 -19.90 18.88
CA ILE C 184 -2.35 -21.32 18.84
C ILE C 184 -3.48 -21.60 17.81
N VAL C 185 -4.54 -20.80 17.83
CA VAL C 185 -5.74 -21.18 17.06
C VAL C 185 -5.62 -20.81 15.63
N LYS C 186 -4.76 -19.84 15.39
CA LYS C 186 -4.44 -19.46 14.03
C LYS C 186 -3.70 -20.62 13.36
N TYR C 187 -2.70 -21.15 14.04
CA TYR C 187 -1.89 -22.23 13.48
C TYR C 187 -2.54 -23.62 13.51
N LYS C 188 -3.08 -24.06 14.61
CA LYS C 188 -3.55 -25.41 14.64
C LYS C 188 -4.86 -25.64 13.92
N THR C 189 -5.71 -24.63 13.76
CA THR C 189 -7.07 -24.79 13.17
C THR C 189 -7.36 -23.99 11.91
N ALA C 190 -7.15 -22.69 12.00
CA ALA C 190 -7.67 -21.80 11.00
C ALA C 190 -7.07 -22.03 9.62
N TYR C 191 -5.77 -22.36 9.58
CA TYR C 191 -5.11 -22.61 8.30
C TYR C 191 -5.70 -23.80 7.59
N TYR C 192 -5.87 -24.93 8.29
CA TYR C 192 -6.33 -26.08 7.57
C TYR C 192 -7.79 -26.16 7.46
N THR C 193 -8.54 -25.61 8.43
CA THR C 193 -10.01 -25.75 8.32
C THR C 193 -10.67 -24.77 7.31
N TYR C 194 -10.03 -23.62 7.05
CA TYR C 194 -10.59 -22.56 6.16
C TYR C 194 -9.65 -22.08 5.06
N GLN C 195 -8.45 -21.66 5.43
CA GLN C 195 -7.50 -21.12 4.45
C GLN C 195 -7.30 -22.16 3.39
N LEU C 196 -7.14 -23.42 3.78
CA LEU C 196 -6.79 -24.47 2.83
C LEU C 196 -7.87 -24.78 1.83
N PRO C 197 -9.07 -25.18 2.30
CA PRO C 197 -10.13 -25.41 1.29
C PRO C 197 -10.57 -24.13 0.47
N VAL C 198 -10.61 -22.93 1.10
CA VAL C 198 -10.88 -21.73 0.29
C VAL C 198 -9.80 -21.56 -0.78
N CYS C 199 -8.53 -21.79 -0.39
CA CYS C 199 -7.41 -21.64 -1.35
C CYS C 199 -7.44 -22.67 -2.47
N LEU C 200 -7.73 -23.93 -2.18
CA LEU C 200 -7.82 -24.95 -3.27
C LEU C 200 -8.95 -24.59 -4.22
N GLY C 201 -10.09 -24.21 -3.64
CA GLY C 201 -11.19 -23.53 -4.41
C GLY C 201 -10.79 -22.35 -5.29
N MET C 202 -10.03 -21.39 -4.76
CA MET C 202 -9.52 -20.32 -5.63
C MET C 202 -8.62 -20.81 -6.77
N LEU C 203 -7.69 -21.73 -6.51
CA LEU C 203 -6.80 -22.22 -7.60
C LEU C 203 -7.57 -22.94 -8.67
N LEU C 204 -8.49 -23.78 -8.25
CA LEU C 204 -9.28 -24.54 -9.21
C LEU C 204 -10.19 -23.60 -10.05
N ALA C 205 -10.65 -22.51 -9.44
CA ALA C 205 -11.35 -21.44 -10.16
C ALA C 205 -10.44 -20.47 -10.98
N ASN C 206 -9.17 -20.78 -11.13
CA ASN C 206 -8.22 -19.94 -11.88
C ASN C 206 -8.00 -18.52 -11.34
N ILE C 207 -8.14 -18.32 -10.04
CA ILE C 207 -7.71 -17.12 -9.37
C ILE C 207 -6.35 -17.41 -8.70
N SER C 208 -5.25 -17.01 -9.36
CA SER C 208 -3.88 -17.14 -8.81
C SER C 208 -3.25 -15.83 -8.26
N ASP C 209 -3.99 -14.72 -8.28
CA ASP C 209 -3.47 -13.43 -7.85
C ASP C 209 -3.11 -13.44 -6.35
N PRO C 210 -1.88 -13.04 -6.00
CA PRO C 210 -1.45 -13.01 -4.60
C PRO C 210 -2.20 -12.08 -3.66
N VAL C 211 -2.61 -10.89 -4.07
CA VAL C 211 -3.37 -10.01 -3.13
C VAL C 211 -4.71 -10.65 -2.80
N LEU C 212 -5.35 -11.26 -3.79
CA LEU C 212 -6.62 -11.99 -3.54
C LEU C 212 -6.45 -13.15 -2.54
N HIS C 213 -5.41 -13.96 -2.71
CA HIS C 213 -5.12 -14.99 -1.71
C HIS C 213 -4.89 -14.44 -0.34
N GLN C 214 -4.14 -13.37 -0.24
CA GLN C 214 -3.94 -12.78 1.04
C GLN C 214 -5.26 -12.35 1.64
N LYS C 215 -6.14 -11.73 0.84
CA LYS C 215 -7.41 -11.20 1.38
C LYS C 215 -8.27 -12.32 1.85
N ALA C 216 -8.35 -13.40 1.07
CA ALA C 216 -9.03 -14.64 1.50
C ALA C 216 -8.39 -15.28 2.71
N GLU C 217 -7.07 -15.39 2.72
CA GLU C 217 -6.38 -15.89 3.91
C GLU C 217 -6.77 -15.13 5.18
N ASP C 218 -6.77 -13.80 5.13
CA ASP C 218 -7.05 -12.96 6.31
C ASP C 218 -8.50 -13.17 6.79
N MET C 219 -9.45 -13.29 5.86
CA MET C 219 -10.85 -13.54 6.22
C MET C 219 -10.93 -14.88 6.95
N CYS C 220 -10.44 -15.94 6.31
CA CYS C 220 -10.36 -17.33 6.85
C CYS C 220 -9.73 -17.48 8.19
N LEU C 221 -8.71 -16.72 8.50
CA LEU C 221 -8.05 -16.86 9.81
C LEU C 221 -8.87 -16.31 10.99
N GLU C 222 -9.84 -15.43 10.73
CA GLU C 222 -10.69 -14.85 11.77
C GLU C 222 -11.85 -15.78 12.00
N ILE C 223 -12.40 -16.31 10.91
CA ILE C 223 -13.44 -17.32 10.96
C ILE C 223 -12.95 -18.56 11.69
N GLY C 224 -11.69 -18.93 11.45
CA GLY C 224 -11.15 -20.15 12.02
C GLY C 224 -10.92 -20.00 13.51
N LYS C 225 -10.57 -18.81 13.96
CA LYS C 225 -10.40 -18.56 15.40
C LYS C 225 -11.76 -18.66 16.12
N PHE C 226 -12.81 -18.26 15.42
CA PHE C 226 -14.19 -18.34 15.90
C PHE C 226 -14.59 -19.81 16.11
N PHE C 227 -14.64 -20.59 15.02
CA PHE C 227 -14.76 -22.07 15.05
C PHE C 227 -14.06 -22.76 16.23
N GLN C 228 -12.86 -22.36 16.53
CA GLN C 228 -12.09 -22.94 17.66
C GLN C 228 -12.50 -22.45 19.04
N ILE C 229 -13.12 -21.28 19.13
CA ILE C 229 -13.71 -20.84 20.38
C ILE C 229 -14.91 -21.71 20.68
N GLN C 230 -15.73 -21.95 19.66
CA GLN C 230 -16.84 -22.87 19.79
C GLN C 230 -16.31 -24.24 20.29
N ASP C 231 -15.52 -24.96 19.50
CA ASP C 231 -14.95 -26.24 19.94
C ASP C 231 -14.46 -26.21 21.41
N ASP C 232 -13.83 -25.14 21.87
CA ASP C 232 -13.33 -25.11 23.24
C ASP C 232 -14.44 -25.13 24.28
N TYR C 233 -15.51 -24.41 23.94
CA TYR C 233 -16.72 -24.28 24.73
C TYR C 233 -17.45 -25.62 24.81
N ILE C 234 -17.69 -26.22 23.64
CA ILE C 234 -18.31 -27.54 23.47
C ILE C 234 -17.54 -28.70 24.09
N ASP C 235 -16.26 -28.52 24.31
CA ASP C 235 -15.53 -29.52 25.06
C ASP C 235 -16.14 -29.67 26.43
N CYS C 236 -16.23 -28.53 27.13
CA CYS C 236 -16.57 -28.47 28.55
C CYS C 236 -18.08 -28.27 28.86
N TYR C 237 -18.92 -27.93 27.89
CA TYR C 237 -20.39 -27.83 28.12
C TYR C 237 -21.23 -28.67 27.18
N GLY C 238 -20.62 -29.33 26.20
CA GLY C 238 -21.37 -29.88 25.05
C GLY C 238 -21.99 -31.27 25.23
N ASP C 239 -23.02 -31.52 24.44
CA ASP C 239 -23.82 -32.75 24.56
C ASP C 239 -23.07 -33.96 23.97
N GLU C 240 -22.49 -34.78 24.85
CA GLU C 240 -21.61 -35.93 24.42
C GLU C 240 -22.19 -36.86 23.35
N SER C 241 -23.50 -37.08 23.37
CA SER C 241 -24.20 -37.85 22.33
C SER C 241 -24.29 -37.12 20.98
N LEU C 242 -24.21 -35.78 21.00
CA LEU C 242 -24.11 -34.94 19.78
C LEU C 242 -22.63 -34.71 19.33
N THR C 243 -21.72 -34.47 20.30
CA THR C 243 -20.28 -34.21 20.01
C THR C 243 -19.58 -35.43 19.42
N GLY C 244 -19.87 -36.61 20.00
CA GLY C 244 -19.22 -37.85 19.62
C GLY C 244 -17.92 -38.12 20.37
N LYS C 245 -17.49 -37.17 21.20
CA LYS C 245 -16.15 -37.19 21.78
C LYS C 245 -16.20 -36.70 23.22
N MET C 246 -15.73 -37.55 24.13
CA MET C 246 -15.54 -37.17 25.52
C MET C 246 -14.64 -35.94 25.48
N GLY C 247 -15.11 -34.81 25.98
CA GLY C 247 -14.26 -33.63 26.08
C GLY C 247 -13.17 -33.88 27.12
N THR C 248 -11.93 -33.45 26.85
CA THR C 248 -10.76 -33.69 27.72
C THR C 248 -9.90 -32.46 28.09
N ASP C 249 -10.30 -31.26 27.69
CA ASP C 249 -9.44 -30.05 27.82
C ASP C 249 -9.03 -29.73 29.28
N ILE C 250 -9.96 -30.00 30.20
CA ILE C 250 -9.81 -29.61 31.60
C ILE C 250 -8.83 -30.54 32.35
N GLN C 251 -8.98 -31.87 32.17
CA GLN C 251 -7.98 -32.79 32.76
C GLN C 251 -6.60 -32.81 32.02
N GLU C 252 -6.56 -32.49 30.72
CA GLU C 252 -5.28 -32.25 29.97
C GLU C 252 -4.58 -30.90 30.17
N ALA C 253 -5.12 -30.01 31.01
CA ALA C 253 -4.55 -28.68 31.26
C ALA C 253 -4.40 -27.82 29.99
N LYS C 254 -5.42 -27.85 29.12
CA LYS C 254 -5.34 -27.12 27.85
C LYS C 254 -5.55 -25.63 28.02
N CYS C 255 -4.74 -24.87 27.31
CA CYS C 255 -4.94 -23.45 27.15
C CYS C 255 -6.16 -23.19 26.26
N SER C 256 -7.34 -23.67 26.67
CA SER C 256 -8.58 -23.43 25.90
C SER C 256 -9.09 -22.04 26.19
N TRP C 257 -10.03 -21.59 25.36
CA TRP C 257 -10.65 -20.29 25.51
C TRP C 257 -11.08 -20.01 26.98
N LEU C 258 -11.82 -20.97 27.56
CA LEU C 258 -12.33 -20.85 28.92
C LEU C 258 -11.17 -20.74 29.90
N ALA C 259 -10.13 -21.53 29.72
CA ALA C 259 -8.91 -21.36 30.55
C ALA C 259 -8.38 -19.90 30.55
N VAL C 260 -8.43 -19.31 29.36
CA VAL C 260 -7.90 -17.98 29.13
C VAL C 260 -8.85 -16.96 29.76
N MET C 261 -10.15 -17.14 29.53
CA MET C 261 -11.22 -16.26 30.07
C MET C 261 -11.29 -16.28 31.60
N ALA C 262 -11.03 -17.43 32.21
CA ALA C 262 -11.07 -17.55 33.65
C ALA C 262 -9.88 -16.84 34.19
N LEU C 263 -8.66 -17.22 33.80
CA LEU C 263 -7.49 -16.50 34.33
C LEU C 263 -7.51 -14.95 34.08
N GLN C 264 -8.37 -14.49 33.17
CA GLN C 264 -8.62 -13.08 32.94
C GLN C 264 -9.53 -12.46 34.04
N ARG C 265 -10.55 -13.22 34.46
CA ARG C 265 -11.51 -12.81 35.51
C ARG C 265 -11.24 -13.42 36.91
N CYS C 266 -9.96 -13.44 37.31
CA CYS C 266 -9.51 -14.18 38.50
C CYS C 266 -8.91 -13.32 39.60
N SER C 267 -9.44 -13.51 40.81
CA SER C 267 -8.90 -12.98 42.06
C SER C 267 -7.93 -13.97 42.65
N ALA C 268 -6.86 -13.48 43.29
CA ALA C 268 -5.81 -14.34 43.86
C ALA C 268 -6.31 -15.63 44.56
N SER C 269 -7.46 -15.57 45.25
CA SER C 269 -8.08 -16.77 45.89
C SER C 269 -8.40 -17.87 44.83
N GLN C 270 -9.12 -17.48 43.79
CA GLN C 270 -9.67 -18.42 42.80
C GLN C 270 -8.62 -18.91 41.77
N LYS C 271 -7.60 -18.10 41.50
CA LYS C 271 -6.44 -18.49 40.71
C LYS C 271 -5.59 -19.54 41.44
N ILE C 272 -5.45 -19.41 42.78
CA ILE C 272 -4.80 -20.46 43.60
C ILE C 272 -5.62 -21.75 43.62
N VAL C 273 -6.95 -21.60 43.60
CA VAL C 273 -7.85 -22.73 43.34
C VAL C 273 -7.53 -23.40 42.01
N PHE C 274 -7.46 -22.60 40.95
CA PHE C 274 -7.19 -23.08 39.57
C PHE C 274 -5.87 -23.83 39.49
N THR C 275 -4.78 -23.21 39.96
CA THR C 275 -3.47 -23.85 40.12
C THR C 275 -3.52 -25.24 40.71
N THR C 276 -4.30 -25.41 41.77
CA THR C 276 -4.42 -26.71 42.47
C THR C 276 -5.19 -27.74 41.65
N CYS C 277 -6.26 -27.32 40.98
CA CYS C 277 -7.26 -28.24 40.39
C CYS C 277 -7.24 -28.41 38.86
N TYR C 278 -6.72 -27.44 38.11
CA TYR C 278 -6.69 -27.58 36.65
C TYR C 278 -5.77 -28.75 36.33
N GLY C 279 -6.29 -29.67 35.52
CA GLY C 279 -5.49 -30.71 34.92
C GLY C 279 -5.15 -31.84 35.87
N SER C 280 -6.18 -32.34 36.54
CA SER C 280 -6.09 -33.52 37.37
C SER C 280 -7.18 -34.43 36.86
N LYS C 281 -6.92 -35.74 36.86
CA LYS C 281 -7.93 -36.74 36.46
C LYS C 281 -9.06 -36.97 37.49
N GLU C 282 -8.83 -36.56 38.74
CA GLU C 282 -9.81 -36.67 39.82
C GLU C 282 -11.10 -35.89 39.54
N PRO C 283 -12.26 -36.58 39.33
CA PRO C 283 -13.49 -35.86 38.95
C PRO C 283 -14.03 -34.83 40.00
N ALA C 284 -13.50 -34.84 41.23
CA ALA C 284 -13.70 -33.75 42.21
C ALA C 284 -12.88 -32.54 41.82
N HIS C 285 -11.59 -32.74 41.58
CA HIS C 285 -10.72 -31.69 41.03
C HIS C 285 -11.29 -31.12 39.70
N ILE C 286 -11.92 -31.96 38.88
CA ILE C 286 -12.59 -31.53 37.63
C ILE C 286 -13.89 -30.78 37.89
N GLU C 287 -14.69 -31.31 38.81
CA GLU C 287 -15.97 -30.68 39.18
C GLU C 287 -15.71 -29.29 39.81
N ARG C 288 -14.67 -29.20 40.60
CA ARG C 288 -14.26 -27.93 41.21
C ARG C 288 -13.91 -26.84 40.15
N ILE C 289 -13.36 -27.24 39.00
CA ILE C 289 -13.09 -26.34 37.85
C ILE C 289 -14.37 -25.96 37.07
N LYS C 290 -15.22 -26.94 36.77
CA LYS C 290 -16.54 -26.63 36.17
C LYS C 290 -17.33 -25.67 37.06
N GLU C 291 -17.07 -25.75 38.37
CA GLU C 291 -17.62 -24.83 39.34
C GLU C 291 -17.11 -23.41 39.14
N LEU C 292 -15.79 -23.24 39.22
CA LEU C 292 -15.17 -21.92 39.06
C LEU C 292 -15.60 -21.20 37.77
N TYR C 293 -15.81 -21.97 36.70
CA TYR C 293 -16.37 -21.47 35.41
C TYR C 293 -17.88 -21.08 35.46
N LYS C 294 -18.45 -20.90 36.65
CA LYS C 294 -19.87 -20.44 36.81
C LYS C 294 -19.94 -19.16 37.64
N GLN C 295 -19.20 -19.11 38.75
CA GLN C 295 -18.91 -17.86 39.49
C GLN C 295 -18.31 -16.78 38.57
N LEU C 296 -17.37 -17.19 37.71
CA LEU C 296 -16.73 -16.32 36.73
C LEU C 296 -17.66 -16.07 35.58
N GLN C 297 -18.63 -16.96 35.38
CA GLN C 297 -19.78 -16.72 34.51
C GLN C 297 -19.40 -16.80 33.04
N LEU C 298 -18.65 -17.86 32.71
CA LEU C 298 -18.08 -18.01 31.35
C LEU C 298 -19.10 -18.35 30.28
N PRO C 299 -20.25 -18.99 30.63
CA PRO C 299 -21.23 -19.25 29.51
C PRO C 299 -22.05 -18.06 29.10
N GLU C 300 -22.18 -17.08 30.01
CA GLU C 300 -22.85 -15.79 29.73
C GLU C 300 -21.97 -15.09 28.71
N LEU C 301 -20.72 -14.89 29.12
CA LEU C 301 -19.66 -14.35 28.29
C LEU C 301 -19.54 -15.05 26.92
N TYR C 302 -19.63 -16.39 26.86
CA TYR C 302 -19.58 -17.12 25.56
C TYR C 302 -20.66 -16.72 24.57
N ALA C 303 -21.95 -16.76 24.93
CA ALA C 303 -23.00 -16.38 23.95
C ALA C 303 -22.94 -14.87 23.62
N GLN C 304 -22.31 -14.08 24.51
CA GLN C 304 -22.04 -12.67 24.21
C GLN C 304 -20.85 -12.41 23.28
N GLU C 305 -19.68 -13.03 23.54
CA GLU C 305 -18.51 -12.94 22.62
C GLU C 305 -18.78 -13.63 21.28
N GLU C 306 -19.58 -14.68 21.24
CA GLU C 306 -20.00 -15.28 19.99
C GLU C 306 -20.74 -14.25 19.12
N THR C 307 -21.43 -13.27 19.74
CA THR C 307 -22.25 -12.28 19.00
C THR C 307 -21.35 -11.16 18.43
N ARG C 308 -20.48 -10.62 19.27
CA ARG C 308 -19.49 -9.60 18.91
C ARG C 308 -18.63 -10.08 17.73
N MET C 309 -17.84 -11.14 17.91
CA MET C 309 -17.16 -11.84 16.80
C MET C 309 -18.03 -12.16 15.60
N TYR C 310 -19.28 -12.58 15.80
CA TYR C 310 -20.20 -12.81 14.65
C TYR C 310 -20.46 -11.54 13.79
N GLU C 311 -20.64 -10.36 14.43
CA GLU C 311 -20.95 -9.11 13.68
C GLU C 311 -19.69 -8.69 12.98
N SER C 312 -18.64 -8.53 13.78
CA SER C 312 -17.29 -8.17 13.30
C SER C 312 -16.83 -8.92 12.03
N LEU C 313 -17.08 -10.23 11.96
CA LEU C 313 -16.68 -11.08 10.84
C LEU C 313 -17.54 -10.85 9.63
N ILE C 314 -18.81 -10.58 9.86
CA ILE C 314 -19.77 -10.24 8.80
C ILE C 314 -19.47 -8.86 8.18
N LYS C 315 -19.00 -7.93 9.00
CA LYS C 315 -18.54 -6.64 8.49
C LYS C 315 -17.34 -6.89 7.61
N GLN C 316 -16.30 -7.51 8.17
CA GLN C 316 -15.07 -7.85 7.41
C GLN C 316 -15.39 -8.47 6.04
N ALA C 317 -16.38 -9.34 6.00
CA ALA C 317 -16.70 -10.08 4.80
C ALA C 317 -17.29 -9.24 3.74
N HIS C 318 -18.04 -8.22 4.16
CA HIS C 318 -18.68 -7.29 3.22
C HIS C 318 -17.73 -6.30 2.54
N GLY C 319 -16.58 -6.04 3.17
CA GLY C 319 -15.43 -5.35 2.54
C GLY C 319 -14.71 -6.07 1.42
N LEU C 320 -14.98 -7.34 1.18
CA LEU C 320 -14.28 -8.04 0.15
C LEU C 320 -14.86 -7.63 -1.18
N PRO C 321 -14.06 -7.74 -2.24
CA PRO C 321 -14.59 -7.43 -3.56
C PRO C 321 -15.48 -8.55 -4.06
N SER C 322 -16.43 -8.22 -4.93
CA SER C 322 -17.38 -9.24 -5.41
C SER C 322 -16.66 -10.41 -6.09
N GLU C 323 -15.53 -10.18 -6.75
CA GLU C 323 -14.78 -11.28 -7.38
C GLU C 323 -14.21 -12.31 -6.39
N LEU C 324 -14.20 -11.97 -5.11
CA LEU C 324 -13.95 -12.96 -4.05
C LEU C 324 -15.22 -13.35 -3.33
N SER C 325 -16.35 -13.32 -4.02
CA SER C 325 -17.67 -13.71 -3.50
C SER C 325 -17.83 -13.55 -1.97
N PRO C 326 -18.09 -12.32 -1.48
CA PRO C 326 -18.38 -12.24 -0.03
C PRO C 326 -19.61 -13.09 0.44
N ALA C 327 -20.54 -13.44 -0.46
CA ALA C 327 -21.55 -14.49 -0.16
C ALA C 327 -20.87 -15.71 0.51
N LEU C 328 -19.92 -16.32 -0.21
CA LEU C 328 -19.09 -17.43 0.31
C LEU C 328 -18.73 -17.34 1.77
N PHE C 329 -18.10 -16.27 2.17
CA PHE C 329 -17.59 -16.10 3.53
C PHE C 329 -18.67 -15.88 4.56
N VAL C 330 -19.74 -15.18 4.19
CA VAL C 330 -20.91 -14.98 5.07
C VAL C 330 -21.59 -16.37 5.29
N ARG C 331 -21.85 -17.09 4.19
CA ARG C 331 -22.30 -18.50 4.28
C ARG C 331 -21.42 -19.40 5.21
N LEU C 332 -20.09 -19.29 5.15
CA LEU C 332 -19.28 -20.05 6.08
C LEU C 332 -19.44 -19.59 7.49
N ILE C 333 -19.60 -18.29 7.73
CA ILE C 333 -19.82 -17.79 9.10
C ILE C 333 -21.18 -18.26 9.63
N HIS C 334 -22.24 -18.19 8.79
CA HIS C 334 -23.59 -18.67 9.19
C HIS C 334 -23.54 -20.14 9.65
N MET C 335 -23.16 -21.05 8.74
CA MET C 335 -22.84 -22.48 9.03
C MET C 335 -22.28 -22.92 10.38
N ILE C 336 -21.77 -22.01 11.19
CA ILE C 336 -21.28 -22.36 12.52
C ILE C 336 -21.65 -21.35 13.61
N TYR C 337 -22.34 -20.24 13.27
CA TYR C 337 -22.91 -19.33 14.28
C TYR C 337 -24.03 -20.14 14.93
N LYS C 338 -24.05 -20.17 16.26
CA LYS C 338 -25.04 -20.96 17.02
C LYS C 338 -24.53 -22.41 17.20
N ARG C 339 -24.59 -23.27 16.16
CA ARG C 339 -24.13 -24.70 16.19
C ARG C 339 -23.77 -25.29 17.59
N ASN C 340 -24.45 -26.39 17.92
CA ASN C 340 -24.17 -27.14 19.17
C ASN C 340 -23.16 -28.29 18.93
N HIS C 341 -23.04 -28.73 17.68
CA HIS C 341 -22.00 -29.68 17.27
C HIS C 341 -21.40 -29.22 15.92
OAL C6J D . -8.63 23.59 -15.63
PAK C6J D . -7.79 22.71 -14.68
OAN C6J D . -7.62 23.55 -13.24
OAM C6J D . -6.59 22.41 -15.36
CAH C6J D . -8.75 21.27 -14.13
PAI C6J D . -10.13 21.93 -13.13
OAO C6J D . -10.86 20.60 -12.54
OAQ C6J D . -9.39 22.69 -11.88
OAP C6J D . -11.04 22.82 -13.89
CAG C6J D . -7.88 20.45 -13.23
CAE C6J D . -6.79 19.76 -13.86
CAD C6J D . -5.84 19.37 -12.94
CAC C6J D . -4.70 18.68 -13.27
CAB C6J D . -4.46 18.34 -14.57
CAA C6J D . -5.39 18.71 -15.49
NAF C6J D . -6.54 19.38 -15.15
CAJ C6J D . -7.30 19.67 -16.39
MG MG E . -5.37 24.34 -13.46
MG MG F . -8.41 24.59 -11.70
MG MG G . -10.88 24.40 -15.30
C1 IPE H . -11.23 17.21 -13.54
O1 IPE H . -11.68 16.14 -14.38
C2 IPE H . -9.88 17.70 -14.00
C3 IPE H . -9.87 17.87 -15.49
C4 IPE H . -8.93 17.29 -16.24
C5 IPE H . -10.93 18.72 -16.10
PA IPE H . -13.20 15.59 -14.18
O1A IPE H . -14.04 16.81 -14.52
O2A IPE H . -13.38 14.23 -14.85
O3A IPE H . -13.31 15.37 -12.58
PB IPE H . -14.09 14.21 -11.75
O1B IPE H . -15.28 13.78 -12.59
O2B IPE H . -14.50 15.03 -10.53
O3B IPE H . -13.08 13.06 -11.53
OAL C6J I . 12.17 19.93 8.45
PAK C6J I . 13.35 18.97 8.98
OAN C6J I . 13.83 19.62 10.38
OAM C6J I . 12.74 17.66 9.15
CAH C6J I . 14.75 19.01 7.84
PAI C6J I . 15.43 20.77 7.83
OAO C6J I . 16.53 20.82 6.71
OAQ C6J I . 15.86 21.24 9.21
OAP C6J I . 14.23 21.60 7.14
CAG C6J I . 14.27 18.65 6.47
CAE C6J I . 13.89 17.31 6.19
CAD C6J I . 13.25 17.17 4.97
CAC C6J I . 12.76 15.99 4.49
CAB C6J I . 12.87 14.82 5.18
CAA C6J I . 13.53 14.92 6.36
NAF C6J I . 14.02 16.16 6.87
CAJ C6J I . 14.65 15.91 8.19
MG MG J . 10.11 19.11 8.48
MG MG K . 12.35 22.09 7.71
MG MG L . 15.67 20.52 11.05
C1 IPE M . 18.73 18.25 5.11
O1 IPE M . 19.78 17.32 4.91
C2 IPE M . 17.48 17.42 5.34
C3 IPE M . 17.58 16.53 6.58
C4 IPE M . 17.24 15.25 6.53
C5 IPE M . 18.08 17.10 7.87
PA IPE M . 21.32 17.71 4.72
O1A IPE M . 21.72 18.18 6.07
O2A IPE M . 21.99 16.50 4.10
O3A IPE M . 21.33 18.92 3.66
PB IPE M . 22.19 19.02 2.28
O1B IPE M . 23.57 18.44 2.53
O2B IPE M . 22.14 20.52 1.99
O3B IPE M . 21.60 18.20 1.17
OAL C6J N . -9.60 -29.42 20.94
PAK C6J N . -8.61 -29.98 19.79
OAN C6J N . -7.65 -28.95 19.41
OAM C6J N . -7.78 -31.21 20.42
CAH C6J N . -9.62 -30.58 18.49
PAI C6J N . -10.77 -31.79 19.32
OAO C6J N . -11.59 -32.39 18.02
OAQ C6J N . -11.66 -31.08 20.30
OAP C6J N . -9.98 -32.97 20.00
CAG C6J N . -8.80 -31.32 17.42
CAE C6J N . -7.92 -30.66 16.49
CAD C6J N . -7.07 -31.57 15.83
CAC C6J N . -6.14 -31.18 14.89
CAB C6J N . -5.98 -29.85 14.55
CAA C6J N . -6.80 -28.96 15.19
NAF C6J N . -7.76 -29.36 16.13
CAJ C6J N . -8.51 -28.18 16.66
MG MG O . -5.57 -31.14 20.70
MG MG P . -8.42 -32.98 20.86
MG MG Q . -12.02 -29.33 21.49
C1 IPE R . -12.83 -31.15 15.04
O1 IPE R . -13.47 -30.50 13.94
C2 IPE R . -11.36 -30.78 15.08
C3 IPE R . -11.14 -29.27 15.06
C4 IPE R . -10.31 -28.74 14.18
C5 IPE R . -11.88 -28.40 16.02
PA IPE R . -14.99 -30.88 13.46
O1A IPE R . -15.87 -30.42 14.64
O2A IPE R . -15.34 -30.30 12.10
O3A IPE R . -14.86 -32.52 13.32
PB IPE R . -15.59 -33.65 12.37
O1B IPE R . -15.99 -34.73 13.36
O2B IPE R . -14.56 -34.13 11.37
O3B IPE R . -16.77 -33.01 11.67
#